data_6N9L
#
_entry.id   6N9L
#
_cell.length_a   143.134
_cell.length_b   81.379
_cell.length_c   90.416
_cell.angle_alpha   90.00
_cell.angle_beta   125.30
_cell.angle_gamma   90.00
#
_symmetry.space_group_name_H-M   'C 1 2 1'
#
loop_
_entity.id
_entity.type
_entity.pdbx_description
1 polymer 'UvrABC system protein A'
2 non-polymer 'ZINC ION'
3 non-polymer "ADENOSINE-5'-DIPHOSPHATE"
4 water water
#
_entity_poly.entity_id   1
_entity_poly.type   'polypeptide(L)'
_entity_poly.pdbx_seq_one_letter_code
;MHHHHHHNEIVVKGARVHNLKNITVRIPKNRLVVITGVSGSGKSSLAMDTIYAEGQRRYLESLSTYARQFLGNLKKPDVD
EIEGLSPAIAIDQKTVSHNPRSTVGTVTEIYDYLRVLYARIGKKINGLNIHEFTELSISEELEFLKNLNLTEREREIVGE
LLKEIEKRLEFLVDVGLEYLTLSRSATTLSGGESQRIRLATQIGSGLTGVIYVLDEPTIGLHPRDTERLIKTLKKLRDLG
NTVIVVEHDEEVIRNADHIIDIGPGGGTNGGRVVFQGTVDELLKNPDSSLTGEYLSGKRKITVNKTRRLPYASLKIKGVR
HNNLKNIDVEIPLGVFVCVTGVSGSGKSSLVMETLYPALMNLLHKTKLPAGEFDSIEGHENIDKMIAIDQSPIGRTPRSN
PATYTKVFDEIRSLFAMTPAAKARGYNKSRFSFNLKGGRCEACQGQGYVKIEMLFLPDVYVECDVCKGKRYNRETLEITY
KGKNISDILDMTVDEALEFFKNIPSIKRTLQVLHDVGLGYVKLGQPATTLSGGEAQRIKLASELRKRDTGRTLYILDEPT
VGLHFEDVRKLVEVLHRLVDRGNTVIVIEHNLDVIKNADHIIDLGPEGGKEGGYIVATGTPEEIAKNPHSYTGRFLKNVL
;
_entity_poly.pdbx_strand_id   A
#
loop_
_chem_comp.id
_chem_comp.type
_chem_comp.name
_chem_comp.formula
ADP non-polymer ADENOSINE-5'-DIPHOSPHATE 'C10 H15 N5 O10 P2'
ZN non-polymer 'ZINC ION' 'Zn 2'
#
# COMPACT_ATOMS: atom_id res chain seq x y z
N ASN A 8 0.76 26.25 18.31
CA ASN A 8 1.80 26.58 17.33
C ASN A 8 1.55 25.78 16.06
N GLU A 9 2.36 26.06 15.05
CA GLU A 9 2.10 25.61 13.70
C GLU A 9 3.41 25.27 13.01
N ILE A 10 3.32 24.30 12.12
CA ILE A 10 4.31 24.09 11.08
C ILE A 10 3.93 24.99 9.91
N VAL A 11 4.89 25.70 9.36
CA VAL A 11 4.63 26.58 8.24
C VAL A 11 5.57 26.15 7.11
N VAL A 12 5.00 25.43 6.14
CA VAL A 12 5.76 24.99 4.97
C VAL A 12 5.69 26.13 3.96
N LYS A 13 6.84 26.65 3.54
CA LYS A 13 6.91 27.83 2.67
C LYS A 13 7.56 27.44 1.35
N GLY A 14 6.80 27.61 0.27
CA GLY A 14 7.27 27.41 -1.08
C GLY A 14 7.58 25.96 -1.41
N ALA A 15 6.65 25.06 -1.08
CA ALA A 15 6.83 23.65 -1.37
C ALA A 15 6.64 23.38 -2.86
N ARG A 16 7.66 22.80 -3.50
CA ARG A 16 7.65 22.55 -4.95
C ARG A 16 8.02 21.11 -5.31
N VAL A 17 8.17 20.23 -4.32
CA VAL A 17 8.53 18.85 -4.61
C VAL A 17 7.51 18.25 -5.57
N HIS A 18 8.01 17.60 -6.64
CA HIS A 18 7.20 17.00 -7.69
C HIS A 18 6.15 17.96 -8.24
N ASN A 19 4.87 17.64 -8.09
CA ASN A 19 3.80 18.45 -8.65
C ASN A 19 3.26 19.51 -7.69
N LEU A 20 3.92 19.76 -6.56
CA LEU A 20 3.39 20.77 -5.64
C LEU A 20 3.61 22.16 -6.24
N LYS A 21 2.55 22.99 -6.20
CA LYS A 21 2.54 24.23 -6.97
C LYS A 21 3.12 25.42 -6.20
N ASN A 22 4.26 25.23 -5.55
CA ASN A 22 4.91 26.32 -4.82
C ASN A 22 4.01 26.86 -3.70
N ILE A 23 3.52 25.94 -2.88
CA ILE A 23 2.46 26.25 -1.93
C ILE A 23 3.04 26.56 -0.55
N THR A 24 2.30 27.36 0.21
CA THR A 24 2.61 27.68 1.60
C THR A 24 1.44 27.18 2.44
N VAL A 25 1.73 26.28 3.37
CA VAL A 25 0.69 25.56 4.13
C VAL A 25 1.02 25.66 5.62
N ARG A 26 0.02 25.98 6.42
CA ARG A 26 0.16 26.04 7.87
C ARG A 26 -0.59 24.86 8.46
N ILE A 27 0.09 24.12 9.33
CA ILE A 27 -0.41 22.88 9.89
C ILE A 27 -0.38 22.99 11.41
N PRO A 28 -1.49 22.79 12.10
CA PRO A 28 -1.46 22.87 13.57
C PRO A 28 -0.67 21.72 14.18
N LYS A 29 0.15 22.04 15.18
CA LYS A 29 0.96 21.04 15.87
C LYS A 29 0.17 20.40 16.99
N ASN A 30 0.60 19.20 17.40
CA ASN A 30 -0.03 18.49 18.52
C ASN A 30 -1.49 18.19 18.22
N ARG A 31 -1.78 17.91 16.96
CA ARG A 31 -3.12 17.62 16.48
C ARG A 31 -3.07 16.38 15.61
N LEU A 32 -4.22 15.71 15.47
CA LEU A 32 -4.39 14.68 14.46
C LEU A 32 -4.79 15.34 13.15
N VAL A 33 -3.84 15.43 12.23
CA VAL A 33 -4.01 16.05 10.93
C VAL A 33 -4.14 14.93 9.90
N VAL A 34 -5.23 14.92 9.14
CA VAL A 34 -5.42 13.92 8.09
C VAL A 34 -5.28 14.62 6.74
N ILE A 35 -4.34 14.10 5.93
CA ILE A 35 -4.11 14.58 4.56
C ILE A 35 -4.86 13.66 3.61
N THR A 36 -5.70 14.25 2.77
CA THR A 36 -6.59 13.49 1.90
C THR A 36 -6.41 14.01 0.50
N GLY A 37 -6.92 13.27 -0.47
CA GLY A 37 -6.90 13.68 -1.86
C GLY A 37 -6.64 12.47 -2.75
N VAL A 38 -6.99 12.61 -4.03
CA VAL A 38 -6.86 11.52 -4.98
C VAL A 38 -5.39 11.12 -5.11
N SER A 39 -5.18 9.92 -5.63
CA SER A 39 -3.83 9.44 -5.91
C SER A 39 -3.11 10.39 -6.82
N GLY A 40 -1.85 10.64 -6.49
CA GLY A 40 -1.06 11.54 -7.28
C GLY A 40 -1.36 13.00 -7.05
N SER A 41 -2.24 13.34 -6.10
CA SER A 41 -2.49 14.76 -5.86
C SER A 41 -1.29 15.44 -5.20
N GLY A 42 -0.47 14.69 -4.48
CA GLY A 42 0.71 15.27 -3.85
C GLY A 42 0.77 15.07 -2.35
N LYS A 43 -0.07 14.18 -1.81
CA LYS A 43 -0.09 13.95 -0.37
C LYS A 43 1.29 13.52 0.15
N SER A 44 1.88 12.49 -0.45
CA SER A 44 3.22 12.05 -0.03
C SER A 44 4.28 13.11 -0.29
N SER A 45 4.20 13.80 -1.45
CA SER A 45 5.16 14.86 -1.75
C SER A 45 5.21 15.90 -0.61
N LEU A 46 4.04 16.25 -0.08
CA LEU A 46 4.00 17.24 1.01
C LEU A 46 4.40 16.62 2.34
N ALA A 47 3.76 15.50 2.71
CA ALA A 47 3.92 14.98 4.06
C ALA A 47 5.24 14.22 4.22
N MET A 48 5.60 13.39 3.24
CA MET A 48 6.80 12.55 3.36
C MET A 48 8.04 13.23 2.78
N ASP A 49 7.96 13.63 1.51
CA ASP A 49 9.16 14.15 0.85
C ASP A 49 9.53 15.54 1.33
N THR A 50 8.60 16.27 1.94
CA THR A 50 8.88 17.63 2.43
C THR A 50 8.96 17.66 3.95
N ILE A 51 7.85 17.44 4.65
CA ILE A 51 7.84 17.65 6.11
C ILE A 51 8.71 16.60 6.82
N TYR A 52 8.39 15.32 6.64
CA TYR A 52 9.18 14.26 7.29
C TYR A 52 10.65 14.38 6.95
N ALA A 53 10.97 14.45 5.66
CA ALA A 53 12.36 14.46 5.22
C ALA A 53 13.12 15.61 5.85
N GLU A 54 12.55 16.82 5.84
CA GLU A 54 13.28 17.95 6.39
C GLU A 54 13.38 17.86 7.92
N GLY A 55 12.32 17.39 8.60
CA GLY A 55 12.40 17.27 10.05
C GLY A 55 13.46 16.29 10.49
N GLN A 56 13.52 15.14 9.81
CA GLN A 56 14.57 14.18 10.12
C GLN A 56 15.95 14.73 9.79
N ARG A 57 16.07 15.42 8.63
CA ARG A 57 17.37 15.94 8.21
C ARG A 57 17.88 16.99 9.18
N ARG A 58 17.01 17.88 9.63
CA ARG A 58 17.46 18.93 10.54
C ARG A 58 17.88 18.35 11.87
N TYR A 59 17.19 17.31 12.34
CA TYR A 59 17.71 16.67 13.55
C TYR A 59 19.06 15.99 13.30
N LEU A 60 19.18 15.20 12.22
CA LEU A 60 20.41 14.45 12.00
C LEU A 60 21.62 15.38 11.83
N GLU A 61 21.42 16.57 11.25
CA GLU A 61 22.53 17.49 11.13
C GLU A 61 23.12 17.92 12.49
N SER A 62 22.47 17.63 13.62
CA SER A 62 23.05 17.89 14.94
C SER A 62 24.04 16.83 15.40
N LEU A 63 24.12 15.71 14.70
CA LEU A 63 24.97 14.60 15.14
C LEU A 63 26.44 14.90 14.89
N SER A 64 27.29 13.95 15.28
CA SER A 64 28.73 14.07 15.10
C SER A 64 29.13 13.89 13.63
N THR A 65 30.20 14.59 13.25
CA THR A 65 30.74 14.65 11.89
C THR A 65 29.72 15.09 10.84
N TYR A 66 28.52 15.50 11.26
CA TYR A 66 27.43 15.79 10.33
C TYR A 66 26.72 17.09 10.69
N LYS A 75 19.91 16.34 -0.71
CA LYS A 75 19.25 15.88 0.51
C LYS A 75 18.07 16.78 0.89
N LYS A 76 18.25 18.11 0.81
CA LYS A 76 17.18 19.03 1.12
C LYS A 76 16.12 19.03 0.01
N PRO A 77 14.83 18.86 0.34
CA PRO A 77 13.79 18.88 -0.68
C PRO A 77 13.61 20.27 -1.28
N ASP A 78 12.95 20.28 -2.45
CA ASP A 78 12.66 21.54 -3.13
C ASP A 78 11.58 22.32 -2.37
N VAL A 79 12.02 23.14 -1.43
CA VAL A 79 11.14 23.91 -0.55
C VAL A 79 11.95 25.10 -0.06
N ASP A 80 11.28 26.25 0.15
CA ASP A 80 12.01 27.42 0.62
C ASP A 80 12.38 27.28 2.10
N GLU A 81 11.39 27.19 2.98
CA GLU A 81 11.71 27.08 4.40
C GLU A 81 10.56 26.36 5.09
N ILE A 82 10.81 25.83 6.29
CA ILE A 82 9.75 25.27 7.12
C ILE A 82 9.94 25.80 8.53
N GLU A 83 9.00 26.62 8.99
CA GLU A 83 8.99 27.14 10.34
C GLU A 83 8.28 26.15 11.26
N GLY A 84 8.70 26.11 12.52
CA GLY A 84 8.02 25.26 13.49
C GLY A 84 8.25 23.78 13.32
N LEU A 85 9.28 23.42 12.56
CA LEU A 85 9.66 22.04 12.34
C LEU A 85 10.16 21.39 13.64
N SER A 86 9.92 20.08 13.77
CA SER A 86 10.43 19.24 14.84
C SER A 86 11.04 18.01 14.21
N PRO A 87 11.89 17.25 14.93
CA PRO A 87 12.38 15.97 14.38
C PRO A 87 11.18 15.10 14.01
N ALA A 88 11.31 14.39 12.90
CA ALA A 88 10.16 13.67 12.34
C ALA A 88 10.48 12.19 12.20
N ILE A 89 9.42 11.38 12.31
CA ILE A 89 9.53 9.92 12.22
C ILE A 89 8.42 9.44 11.29
N ALA A 90 8.78 8.60 10.32
CA ALA A 90 7.79 8.10 9.36
C ALA A 90 7.39 6.67 9.69
N ILE A 91 6.13 6.33 9.39
CA ILE A 91 5.62 4.99 9.59
C ILE A 91 4.95 4.62 8.29
N ASP A 92 5.65 3.83 7.47
CA ASP A 92 5.10 3.40 6.20
C ASP A 92 5.72 2.05 5.86
N GLN A 93 5.54 1.62 4.63
CA GLN A 93 5.98 0.28 4.26
C GLN A 93 7.46 0.23 3.90
N LYS A 94 8.14 1.37 3.92
CA LYS A 94 9.58 1.38 3.72
C LYS A 94 10.36 1.39 5.02
N THR A 95 9.80 1.93 6.10
CA THR A 95 10.41 1.92 7.43
C THR A 95 10.19 0.55 8.08
N VAL A 96 10.75 -0.50 7.47
CA VAL A 96 10.56 -1.88 7.91
C VAL A 96 11.91 -2.55 8.08
N SER A 97 11.94 -3.56 8.95
CA SER A 97 13.17 -4.31 9.16
C SER A 97 13.48 -5.18 7.94
N HIS A 98 14.77 -5.26 7.60
CA HIS A 98 15.24 -6.19 6.59
C HIS A 98 16.08 -7.31 7.17
N ASN A 99 16.38 -7.25 8.46
CA ASN A 99 17.19 -8.26 9.15
C ASN A 99 16.41 -9.56 9.32
N PRO A 100 16.79 -10.65 8.63
CA PRO A 100 16.03 -11.91 8.78
C PRO A 100 16.07 -12.47 10.19
N ARG A 101 17.06 -12.06 11.00
CA ARG A 101 17.13 -12.44 12.41
C ARG A 101 16.01 -11.81 13.23
N SER A 102 15.42 -10.73 12.75
CA SER A 102 14.52 -9.96 13.59
C SER A 102 13.16 -10.64 13.71
N THR A 103 12.55 -10.50 14.88
CA THR A 103 11.21 -11.01 15.14
C THR A 103 10.30 -9.86 15.58
N VAL A 104 9.01 -10.18 15.73
CA VAL A 104 8.10 -9.22 16.34
C VAL A 104 8.66 -8.77 17.70
N GLY A 105 9.19 -9.73 18.47
CA GLY A 105 9.70 -9.41 19.79
C GLY A 105 10.87 -8.43 19.76
N THR A 106 11.76 -8.56 18.78
CA THR A 106 12.91 -7.66 18.77
C THR A 106 12.54 -6.30 18.16
N VAL A 107 11.73 -6.27 17.10
CA VAL A 107 11.45 -4.97 16.49
C VAL A 107 10.56 -4.11 17.37
N THR A 108 9.78 -4.71 18.29
CA THR A 108 8.97 -3.95 19.23
C THR A 108 9.71 -3.58 20.50
N GLU A 109 10.92 -4.10 20.71
CA GLU A 109 11.71 -3.93 21.94
C GLU A 109 11.07 -4.61 23.16
N ILE A 110 10.12 -5.52 22.94
CA ILE A 110 9.53 -6.23 24.06
C ILE A 110 10.44 -7.38 24.52
N TYR A 111 11.21 -7.96 23.60
CA TYR A 111 12.06 -9.09 23.95
C TYR A 111 13.07 -8.71 25.04
N ASP A 112 13.65 -7.52 24.97
CA ASP A 112 14.60 -7.12 26.01
C ASP A 112 13.93 -7.08 27.38
N TYR A 113 12.71 -6.55 27.43
CA TYR A 113 11.96 -6.56 28.69
C TYR A 113 11.75 -7.98 29.18
N LEU A 114 11.42 -8.89 28.26
CA LEU A 114 11.23 -10.27 28.65
C LEU A 114 12.51 -10.87 29.21
N ARG A 115 13.64 -10.52 28.61
CA ARG A 115 14.93 -11.01 29.09
C ARG A 115 15.19 -10.55 30.52
N VAL A 116 14.94 -9.28 30.80
CA VAL A 116 15.13 -8.79 32.17
C VAL A 116 14.18 -9.51 33.13
N LEU A 117 12.95 -9.73 32.68
CA LEU A 117 11.98 -10.47 33.50
C LEU A 117 12.49 -11.86 33.85
N TYR A 118 13.01 -12.58 32.85
CA TYR A 118 13.46 -13.95 33.08
C TYR A 118 14.77 -13.99 33.88
N ALA A 119 15.62 -12.98 33.72
CA ALA A 119 16.82 -12.88 34.53
C ALA A 119 16.49 -12.56 35.98
N ARG A 120 15.35 -11.92 36.24
CA ARG A 120 14.95 -11.57 37.59
C ARG A 120 14.09 -12.63 38.26
N ILE A 121 13.77 -13.73 37.59
CA ILE A 121 12.91 -14.72 38.21
C ILE A 121 13.48 -16.14 38.05
N GLY A 122 13.72 -16.57 36.83
CA GLY A 122 14.28 -17.89 36.62
C GLY A 122 14.15 -18.32 35.18
N LYS A 123 14.60 -19.56 34.92
CA LYS A 123 14.60 -20.07 33.56
C LYS A 123 13.18 -20.26 33.04
N LYS A 124 12.28 -20.72 33.90
CA LYS A 124 10.89 -20.91 33.54
C LYS A 124 10.01 -20.02 34.41
N ILE A 125 8.91 -19.55 33.84
CA ILE A 125 7.90 -18.78 34.56
C ILE A 125 6.57 -19.46 34.28
N ASN A 126 5.95 -20.00 35.33
CA ASN A 126 4.68 -20.74 35.21
C ASN A 126 4.74 -21.80 34.11
N GLY A 127 5.86 -22.50 34.02
CA GLY A 127 5.99 -23.68 33.19
C GLY A 127 6.67 -23.46 31.85
N LEU A 128 6.75 -22.22 31.38
CA LEU A 128 7.27 -21.92 30.05
C LEU A 128 8.57 -21.14 30.15
N ASN A 129 9.53 -21.50 29.30
CA ASN A 129 10.75 -20.72 29.18
C ASN A 129 10.43 -19.47 28.36
N ILE A 130 11.45 -18.67 28.03
CA ILE A 130 11.20 -17.39 27.35
C ILE A 130 10.82 -17.63 25.90
N HIS A 131 11.49 -18.58 25.22
CA HIS A 131 11.13 -18.87 23.84
C HIS A 131 9.70 -19.39 23.74
N GLU A 132 9.30 -20.23 24.71
CA GLU A 132 7.93 -20.72 24.74
C GLU A 132 6.93 -19.60 25.00
N PHE A 133 7.31 -18.60 25.78
CA PHE A 133 6.43 -17.44 25.96
C PHE A 133 6.25 -16.69 24.65
N THR A 134 7.36 -16.42 23.95
CA THR A 134 7.27 -15.67 22.69
C THR A 134 6.47 -16.40 21.62
N GLU A 135 6.27 -17.72 21.77
CA GLU A 135 5.51 -18.49 20.78
C GLU A 135 4.00 -18.49 21.04
N LEU A 136 3.56 -17.96 22.17
CA LEU A 136 2.15 -17.68 22.36
C LEU A 136 1.76 -16.43 21.56
N SER A 137 0.50 -16.38 21.14
CA SER A 137 0.00 -15.16 20.51
C SER A 137 0.01 -14.01 21.52
N ILE A 138 -0.11 -12.78 21.01
CA ILE A 138 -0.08 -11.61 21.88
C ILE A 138 -1.20 -11.66 22.91
N SER A 139 -2.41 -12.03 22.50
CA SER A 139 -3.50 -12.10 23.47
C SER A 139 -3.24 -13.19 24.53
N GLU A 140 -2.70 -14.34 24.10
CA GLU A 140 -2.33 -15.38 25.05
C GLU A 140 -1.20 -14.91 25.97
N GLU A 141 -0.23 -14.18 25.42
CA GLU A 141 0.82 -13.65 26.27
C GLU A 141 0.26 -12.71 27.32
N LEU A 142 -0.71 -11.89 26.93
CA LEU A 142 -1.31 -10.95 27.88
C LEU A 142 -2.08 -11.68 28.97
N GLU A 143 -2.87 -12.69 28.59
CA GLU A 143 -3.61 -13.46 29.59
C GLU A 143 -2.66 -14.24 30.49
N PHE A 144 -1.57 -14.75 29.93
CA PHE A 144 -0.57 -15.44 30.75
C PHE A 144 -0.01 -14.50 31.82
N LEU A 145 0.44 -13.31 31.41
CA LEU A 145 1.03 -12.38 32.38
C LEU A 145 0.00 -11.91 33.40
N LYS A 146 -1.25 -11.69 32.97
CA LYS A 146 -2.26 -11.18 33.90
C LYS A 146 -2.74 -12.25 34.87
N ASN A 147 -2.56 -13.53 34.55
CA ASN A 147 -2.87 -14.64 35.44
C ASN A 147 -1.63 -15.11 36.20
N LEU A 148 -0.68 -14.20 36.41
CA LEU A 148 0.50 -14.46 37.22
C LEU A 148 0.32 -13.80 38.58
N ASN A 149 0.40 -14.59 39.64
CA ASN A 149 0.73 -14.08 40.95
C ASN A 149 1.43 -15.20 41.72
N LEU A 150 2.46 -15.77 41.09
CA LEU A 150 3.11 -16.95 41.64
C LEU A 150 3.79 -16.64 42.97
N THR A 151 4.20 -15.39 43.19
CA THR A 151 5.00 -15.02 44.34
C THR A 151 4.33 -13.85 45.07
N GLU A 152 4.96 -13.48 46.19
CA GLU A 152 4.66 -12.26 46.93
C GLU A 152 5.80 -11.25 46.91
N ARG A 153 7.05 -11.71 46.81
CA ARG A 153 8.20 -10.80 46.75
C ARG A 153 8.82 -10.69 45.36
N GLU A 154 8.74 -11.74 44.54
CA GLU A 154 9.11 -11.58 43.14
C GLU A 154 8.31 -10.46 42.50
N ARG A 155 7.04 -10.29 42.93
CA ARG A 155 6.28 -9.11 42.54
C ARG A 155 7.12 -7.86 42.71
N GLU A 156 7.64 -7.64 43.92
CA GLU A 156 8.43 -6.45 44.22
C GLU A 156 9.70 -6.31 43.38
N ILE A 157 10.14 -7.35 42.68
CA ILE A 157 11.31 -7.21 41.82
C ILE A 157 10.95 -7.07 40.33
N VAL A 158 9.72 -7.43 39.93
CA VAL A 158 9.38 -7.36 38.51
C VAL A 158 8.08 -6.61 38.26
N GLY A 159 7.37 -6.25 39.32
CA GLY A 159 6.02 -5.73 39.24
C GLY A 159 5.82 -4.64 38.20
N GLU A 160 6.44 -3.48 38.44
CA GLU A 160 6.36 -2.38 37.48
C GLU A 160 6.82 -2.84 36.09
N LEU A 161 7.85 -3.69 36.04
CA LEU A 161 8.34 -4.21 34.77
C LEU A 161 7.23 -4.94 34.01
N LEU A 162 6.51 -5.83 34.71
CA LEU A 162 5.38 -6.50 34.06
C LEU A 162 4.41 -5.48 33.50
N LYS A 163 4.13 -4.42 34.26
CA LYS A 163 3.23 -3.38 33.79
C LYS A 163 3.68 -2.90 32.43
N GLU A 164 4.98 -2.56 32.32
CA GLU A 164 5.52 -2.04 31.06
C GLU A 164 5.33 -3.05 29.94
N ILE A 165 5.67 -4.32 30.21
CA ILE A 165 5.46 -5.35 29.20
C ILE A 165 4.00 -5.40 28.80
N GLU A 166 3.11 -5.40 29.79
CA GLU A 166 1.68 -5.47 29.47
C GLU A 166 1.27 -4.26 28.64
N LYS A 167 1.77 -3.07 29.02
CA LYS A 167 1.42 -1.88 28.26
C LYS A 167 1.79 -2.06 26.80
N ARG A 168 3.01 -2.56 26.55
CA ARG A 168 3.46 -2.64 25.17
C ARG A 168 2.66 -3.69 24.42
N LEU A 169 2.34 -4.81 25.07
CA LEU A 169 1.54 -5.82 24.38
C LEU A 169 0.17 -5.27 24.05
N GLU A 170 -0.40 -4.46 24.95
CA GLU A 170 -1.75 -3.95 24.71
C GLU A 170 -1.75 -3.07 23.48
N PHE A 171 -0.63 -2.37 23.22
CA PHE A 171 -0.57 -1.52 22.05
C PHE A 171 -0.60 -2.37 20.78
N LEU A 172 0.02 -3.54 20.82
CA LEU A 172 -0.08 -4.47 19.70
C LEU A 172 -1.52 -4.90 19.47
N VAL A 173 -2.23 -5.23 20.56
CA VAL A 173 -3.64 -5.58 20.40
C VAL A 173 -4.38 -4.39 19.81
N ASP A 174 -3.96 -3.18 20.17
CA ASP A 174 -4.70 -2.00 19.77
C ASP A 174 -4.53 -1.68 18.31
N VAL A 175 -3.52 -2.24 17.66
CA VAL A 175 -3.35 -2.00 16.24
C VAL A 175 -3.75 -3.23 15.44
N GLY A 176 -4.53 -4.11 16.06
CA GLY A 176 -5.12 -5.24 15.38
C GLY A 176 -4.20 -6.42 15.19
N LEU A 177 -3.16 -6.57 16.02
CA LEU A 177 -2.18 -7.64 15.82
C LEU A 177 -2.15 -8.66 16.95
N GLU A 178 -3.27 -8.85 17.66
CA GLU A 178 -3.26 -9.77 18.80
C GLU A 178 -2.95 -11.22 18.38
N TYR A 179 -3.12 -11.56 17.12
CA TYR A 179 -2.92 -12.94 16.71
C TYR A 179 -1.46 -13.27 16.47
N LEU A 180 -0.59 -12.25 16.31
CA LEU A 180 0.83 -12.51 16.08
C LEU A 180 1.46 -13.12 17.33
N THR A 181 2.57 -13.86 17.13
CA THR A 181 3.42 -14.24 18.24
C THR A 181 4.66 -13.34 18.23
N LEU A 182 5.30 -13.21 19.40
CA LEU A 182 6.56 -12.46 19.46
C LEU A 182 7.64 -13.19 18.68
N SER A 183 7.55 -14.51 18.59
CA SER A 183 8.53 -15.32 17.85
C SER A 183 8.41 -15.19 16.34
N ARG A 184 7.34 -14.59 15.83
CA ARG A 184 7.15 -14.47 14.39
C ARG A 184 8.26 -13.65 13.76
N SER A 185 8.84 -14.18 12.67
CA SER A 185 9.91 -13.49 11.95
C SER A 185 9.41 -12.21 11.31
N ALA A 186 10.12 -11.10 11.56
CA ALA A 186 9.67 -9.79 11.06
C ALA A 186 9.58 -9.76 9.53
N THR A 187 10.40 -10.53 8.83
CA THR A 187 10.34 -10.45 7.38
C THR A 187 9.19 -11.24 6.79
N THR A 188 8.44 -11.99 7.60
CA THR A 188 7.28 -12.69 7.06
C THR A 188 5.98 -11.91 7.27
N LEU A 189 6.05 -10.70 7.83
CA LEU A 189 4.89 -9.82 7.99
C LEU A 189 4.53 -9.11 6.69
N SER A 190 3.24 -8.84 6.51
CA SER A 190 2.80 -8.01 5.40
C SER A 190 3.20 -6.56 5.62
N GLY A 191 2.97 -5.71 4.61
CA GLY A 191 3.27 -4.30 4.76
C GLY A 191 2.38 -3.62 5.80
N GLY A 192 1.09 -3.93 5.80
CA GLY A 192 0.21 -3.37 6.81
C GLY A 192 0.60 -3.82 8.21
N GLU A 193 0.94 -5.10 8.37
CA GLU A 193 1.34 -5.56 9.68
C GLU A 193 2.60 -4.84 10.14
N SER A 194 3.57 -4.63 9.23
CA SER A 194 4.81 -3.94 9.59
C SER A 194 4.55 -2.50 10.01
N GLN A 195 3.70 -1.79 9.27
CA GLN A 195 3.36 -0.41 9.62
C GLN A 195 2.80 -0.35 11.03
N ARG A 196 1.85 -1.24 11.32
CA ARG A 196 1.19 -1.16 12.61
C ARG A 196 2.07 -1.65 13.74
N ILE A 197 2.97 -2.60 13.48
CA ILE A 197 3.98 -2.96 14.47
C ILE A 197 4.79 -1.74 14.85
N ARG A 198 5.23 -0.99 13.85
CA ARG A 198 6.01 0.21 14.13
C ARG A 198 5.16 1.24 14.89
N LEU A 199 3.89 1.39 14.52
CA LEU A 199 3.04 2.31 15.29
C LEU A 199 2.98 1.89 16.75
N ALA A 200 2.78 0.61 17.00
CA ALA A 200 2.67 0.12 18.39
C ALA A 200 3.97 0.34 19.14
N THR A 201 5.11 0.18 18.44
CA THR A 201 6.41 0.38 19.06
C THR A 201 6.66 1.84 19.37
N GLN A 202 6.25 2.74 18.46
CA GLN A 202 6.51 4.16 18.66
C GLN A 202 5.62 4.70 19.77
N ILE A 203 4.36 4.28 19.84
CA ILE A 203 3.57 4.75 20.96
C ILE A 203 4.11 4.13 22.25
N GLY A 204 4.52 2.84 22.22
CA GLY A 204 5.08 2.25 23.44
C GLY A 204 6.34 2.95 23.94
N SER A 205 7.11 3.56 23.03
CA SER A 205 8.35 4.22 23.45
C SER A 205 8.09 5.46 24.30
N GLY A 206 6.91 6.06 24.19
CA GLY A 206 6.61 7.29 24.88
C GLY A 206 7.32 8.54 24.40
N LEU A 207 8.00 8.51 23.27
CA LEU A 207 8.66 9.71 22.78
C LEU A 207 7.64 10.82 22.50
N THR A 208 8.00 12.05 22.87
CA THR A 208 7.16 13.24 22.68
C THR A 208 7.91 14.26 21.83
N GLY A 209 7.17 15.26 21.38
CA GLY A 209 7.76 16.38 20.64
C GLY A 209 8.13 16.09 19.21
N VAL A 210 7.65 15.01 18.61
CA VAL A 210 8.05 14.71 17.24
C VAL A 210 6.85 14.86 16.31
N ILE A 211 7.15 15.07 15.04
CA ILE A 211 6.15 14.99 13.98
C ILE A 211 6.19 13.57 13.44
N TYR A 212 5.14 12.81 13.67
CA TYR A 212 4.93 11.49 13.07
C TYR A 212 4.18 11.65 11.76
N VAL A 213 4.66 10.97 10.71
CA VAL A 213 3.99 10.97 9.41
C VAL A 213 3.69 9.51 9.07
N LEU A 214 2.40 9.17 9.02
CA LEU A 214 1.94 7.80 8.83
C LEU A 214 1.29 7.69 7.48
N ASP A 215 1.67 6.66 6.73
CA ASP A 215 1.08 6.39 5.42
C ASP A 215 0.03 5.31 5.60
N GLU A 216 -1.24 5.69 5.42
CA GLU A 216 -2.41 4.80 5.45
C GLU A 216 -2.33 3.69 6.50
N PRO A 217 -2.31 4.03 7.79
CA PRO A 217 -2.19 2.98 8.83
C PRO A 217 -3.36 1.99 8.91
N THR A 218 -4.47 2.21 8.20
CA THR A 218 -5.52 1.20 8.13
C THR A 218 -5.26 0.10 7.12
N ILE A 219 -4.18 0.18 6.32
CA ILE A 219 -3.90 -0.88 5.37
C ILE A 219 -3.92 -2.23 6.10
N GLY A 220 -4.69 -3.18 5.57
CA GLY A 220 -4.72 -4.51 6.15
C GLY A 220 -5.60 -4.65 7.39
N LEU A 221 -6.28 -3.58 7.81
CA LEU A 221 -7.08 -3.55 9.03
C LEU A 221 -8.57 -3.62 8.73
N HIS A 222 -9.28 -4.56 9.35
CA HIS A 222 -10.73 -4.69 9.19
C HIS A 222 -11.45 -3.48 9.78
N PRO A 223 -12.59 -3.06 9.20
CA PRO A 223 -13.38 -1.95 9.80
C PRO A 223 -13.75 -2.17 11.27
N ARG A 224 -13.92 -3.42 11.70
CA ARG A 224 -14.18 -3.74 13.11
C ARG A 224 -13.14 -3.09 14.02
N ASP A 225 -11.91 -2.95 13.54
CA ASP A 225 -10.79 -2.46 14.34
C ASP A 225 -10.47 -1.00 14.11
N THR A 226 -11.18 -0.35 13.17
CA THR A 226 -10.80 1.03 12.83
C THR A 226 -10.88 1.93 14.05
N GLU A 227 -11.96 1.81 14.82
CA GLU A 227 -12.14 2.74 15.93
C GLU A 227 -10.98 2.61 16.91
N ARG A 228 -10.54 1.39 17.19
CA ARG A 228 -9.45 1.23 18.14
C ARG A 228 -8.16 1.82 17.57
N LEU A 229 -7.94 1.66 16.26
CA LEU A 229 -6.77 2.31 15.67
C LEU A 229 -6.86 3.82 15.84
N ILE A 230 -8.06 4.39 15.64
CA ILE A 230 -8.21 5.84 15.79
C ILE A 230 -7.87 6.26 17.21
N LYS A 231 -8.32 5.48 18.21
CA LYS A 231 -7.98 5.84 19.60
C LYS A 231 -6.47 5.84 19.79
N THR A 232 -5.80 4.86 19.16
CA THR A 232 -4.35 4.77 19.28
C THR A 232 -3.67 5.97 18.63
N LEU A 233 -4.16 6.41 17.47
CA LEU A 233 -3.57 7.61 16.87
C LEU A 233 -3.76 8.80 17.81
N LYS A 234 -4.89 8.85 18.51
CA LYS A 234 -5.11 10.00 19.36
C LYS A 234 -4.23 9.93 20.59
N LYS A 235 -3.94 8.71 21.07
CA LYS A 235 -3.01 8.61 22.19
C LYS A 235 -1.63 9.04 21.74
N LEU A 236 -1.25 8.70 20.50
CA LEU A 236 0.05 9.15 20.03
C LEU A 236 0.08 10.67 20.03
N ARG A 237 -1.02 11.29 19.62
CA ARG A 237 -1.11 12.75 19.66
C ARG A 237 -0.99 13.25 21.08
N ASP A 238 -1.71 12.61 22.00
CA ASP A 238 -1.84 13.13 23.35
C ASP A 238 -0.56 13.01 24.14
N LEU A 239 0.42 12.21 23.68
CA LEU A 239 1.72 12.23 24.32
C LEU A 239 2.41 13.57 24.17
N GLY A 240 1.96 14.40 23.24
CA GLY A 240 2.67 15.62 22.88
C GLY A 240 3.36 15.49 21.53
N ASN A 241 2.64 14.98 20.54
CA ASN A 241 3.22 14.86 19.20
C ASN A 241 2.24 15.40 18.19
N THR A 242 2.78 15.81 17.05
CA THR A 242 1.98 16.09 15.88
C THR A 242 1.87 14.79 15.09
N VAL A 243 0.64 14.40 14.74
CA VAL A 243 0.39 13.13 14.07
C VAL A 243 -0.24 13.43 12.72
N ILE A 244 0.52 13.28 11.65
CA ILE A 244 0.08 13.55 10.29
C ILE A 244 -0.18 12.22 9.60
N VAL A 245 -1.41 12.02 9.17
CA VAL A 245 -1.84 10.72 8.64
C VAL A 245 -2.36 10.93 7.22
N VAL A 246 -1.75 10.26 6.26
CA VAL A 246 -2.24 10.24 4.88
C VAL A 246 -3.27 9.12 4.85
N GLU A 247 -4.56 9.45 4.67
CA GLU A 247 -5.55 8.38 4.77
C GLU A 247 -6.69 8.61 3.78
N HIS A 248 -7.30 7.51 3.37
CA HIS A 248 -8.50 7.54 2.56
C HIS A 248 -9.73 7.03 3.28
N ASP A 249 -9.57 6.45 4.48
CA ASP A 249 -10.68 5.83 5.18
C ASP A 249 -11.61 6.90 5.75
N GLU A 250 -12.92 6.74 5.48
CA GLU A 250 -13.90 7.76 5.87
C GLU A 250 -13.91 8.03 7.37
N GLU A 251 -13.82 6.97 8.20
CA GLU A 251 -13.89 7.19 9.65
C GLU A 251 -12.64 7.89 10.18
N VAL A 252 -11.46 7.52 9.68
CA VAL A 252 -10.27 8.25 10.11
C VAL A 252 -10.39 9.72 9.72
N ILE A 253 -10.83 10.00 8.49
CA ILE A 253 -11.01 11.39 8.07
C ILE A 253 -11.98 12.11 9.01
N ARG A 254 -13.10 11.45 9.35
CA ARG A 254 -14.10 12.09 10.20
C ARG A 254 -13.62 12.28 11.63
N ASN A 255 -12.55 11.60 12.03
CA ASN A 255 -12.02 11.79 13.37
C ASN A 255 -10.82 12.73 13.41
N ALA A 256 -10.49 13.39 12.29
CA ALA A 256 -9.39 14.33 12.24
C ALA A 256 -9.67 15.56 13.10
N ASP A 257 -8.63 16.09 13.75
CA ASP A 257 -8.70 17.46 14.26
C ASP A 257 -8.61 18.47 13.12
N HIS A 258 -7.84 18.14 12.09
CA HIS A 258 -7.62 19.09 11.01
C HIS A 258 -7.45 18.30 9.73
N ILE A 259 -8.12 18.72 8.66
CA ILE A 259 -8.01 18.09 7.35
C ILE A 259 -7.27 19.02 6.41
N ILE A 260 -6.34 18.45 5.65
CA ILE A 260 -5.66 19.08 4.52
C ILE A 260 -5.99 18.26 3.28
N ASP A 261 -6.81 18.80 2.39
CA ASP A 261 -7.21 18.06 1.19
C ASP A 261 -6.43 18.59 -0.02
N ILE A 262 -5.69 17.70 -0.68
CA ILE A 262 -4.82 18.04 -1.80
C ILE A 262 -5.52 17.68 -3.10
N GLY A 263 -5.32 18.52 -4.11
CA GLY A 263 -5.95 18.36 -5.39
C GLY A 263 -5.63 19.53 -6.32
N PRO A 264 -6.60 19.90 -7.17
CA PRO A 264 -7.94 19.29 -7.20
C PRO A 264 -7.93 17.87 -7.77
N GLY A 265 -6.97 17.55 -8.63
CA GLY A 265 -6.86 16.24 -9.23
C GLY A 265 -5.51 15.64 -8.95
N GLY A 266 -5.07 14.77 -9.85
CA GLY A 266 -3.76 14.18 -9.69
C GLY A 266 -2.80 14.68 -10.73
N GLY A 267 -1.49 14.48 -10.49
CA GLY A 267 -0.51 14.76 -11.53
C GLY A 267 -0.39 16.26 -11.74
N THR A 268 -0.40 16.66 -13.02
CA THR A 268 -0.35 18.08 -13.35
C THR A 268 -1.56 18.82 -12.77
N ASN A 269 -2.69 18.13 -12.64
CA ASN A 269 -3.91 18.72 -12.09
C ASN A 269 -3.96 18.67 -10.56
N GLY A 270 -2.85 18.36 -9.90
CA GLY A 270 -2.85 18.29 -8.45
C GLY A 270 -1.86 19.29 -7.88
N GLY A 271 -1.32 18.99 -6.70
CA GLY A 271 -0.28 19.80 -6.07
C GLY A 271 -0.76 21.03 -5.34
N ARG A 272 -2.05 21.12 -5.04
CA ARG A 272 -2.61 22.32 -4.40
C ARG A 272 -3.48 21.94 -3.22
N VAL A 273 -3.40 22.71 -2.13
CA VAL A 273 -4.33 22.52 -1.01
C VAL A 273 -5.67 23.14 -1.41
N VAL A 274 -6.67 22.30 -1.70
CA VAL A 274 -7.97 22.83 -2.11
C VAL A 274 -8.94 23.02 -0.94
N PHE A 275 -8.68 22.40 0.21
CA PHE A 275 -9.46 22.62 1.41
C PHE A 275 -8.57 22.39 2.63
N GLN A 276 -8.79 23.19 3.66
CA GLN A 276 -8.11 23.03 4.94
C GLN A 276 -9.08 23.43 6.04
N GLY A 277 -9.22 22.61 7.08
CA GLY A 277 -10.07 22.98 8.21
C GLY A 277 -10.63 21.75 8.90
N THR A 278 -11.73 21.95 9.61
CA THR A 278 -12.28 20.84 10.38
C THR A 278 -13.17 19.96 9.49
N VAL A 279 -13.53 18.79 10.02
CA VAL A 279 -14.52 17.93 9.37
C VAL A 279 -15.83 18.67 9.13
N ASP A 280 -16.35 19.32 10.17
CA ASP A 280 -17.63 20.02 10.00
C ASP A 280 -17.53 21.08 8.91
N GLU A 281 -16.41 21.80 8.84
CA GLU A 281 -16.26 22.80 7.79
C GLU A 281 -16.22 22.14 6.41
N LEU A 282 -15.60 20.97 6.30
CA LEU A 282 -15.57 20.26 5.02
C LEU A 282 -16.96 19.86 4.60
N LEU A 283 -17.74 19.27 5.52
CA LEU A 283 -19.12 18.90 5.20
C LEU A 283 -19.97 20.11 4.84
N LYS A 284 -19.71 21.27 5.46
CA LYS A 284 -20.51 22.46 5.20
C LYS A 284 -20.29 23.00 3.78
N ASN A 285 -19.06 22.91 3.26
CA ASN A 285 -18.75 23.43 1.93
C ASN A 285 -17.90 22.41 1.20
N PRO A 286 -18.53 21.43 0.57
CA PRO A 286 -17.78 20.32 -0.01
C PRO A 286 -17.52 20.44 -1.51
N ASP A 287 -18.15 21.41 -2.18
CA ASP A 287 -18.16 21.41 -3.65
C ASP A 287 -16.83 21.80 -4.26
N SER A 288 -15.84 22.21 -3.46
CA SER A 288 -14.50 22.41 -4.01
C SER A 288 -13.66 21.14 -4.03
N SER A 289 -13.99 20.13 -3.22
CA SER A 289 -13.14 18.96 -3.07
C SER A 289 -13.93 17.69 -3.37
N LEU A 290 -13.29 16.77 -4.10
CA LEU A 290 -13.86 15.44 -4.29
C LEU A 290 -14.07 14.74 -2.96
N THR A 291 -13.07 14.82 -2.08
CA THR A 291 -13.18 14.24 -0.75
C THR A 291 -14.46 14.69 -0.06
N GLY A 292 -14.73 16.00 -0.09
CA GLY A 292 -15.95 16.52 0.54
C GLY A 292 -17.21 16.02 -0.15
N GLU A 293 -17.19 15.89 -1.49
CA GLU A 293 -18.36 15.39 -2.20
C GLU A 293 -18.66 13.95 -1.82
N TYR A 294 -17.62 13.12 -1.66
CA TYR A 294 -17.89 11.75 -1.21
C TYR A 294 -18.37 11.71 0.23
N LEU A 295 -17.76 12.54 1.11
CA LEU A 295 -18.13 12.53 2.52
C LEU A 295 -19.57 12.97 2.74
N SER A 296 -20.06 13.92 1.93
CA SER A 296 -21.41 14.45 2.05
C SER A 296 -22.45 13.63 1.29
N GLY A 297 -22.06 12.61 0.55
CA GLY A 297 -23.05 11.85 -0.19
C GLY A 297 -23.41 12.43 -1.54
N LYS A 298 -22.87 13.60 -1.89
CA LYS A 298 -23.04 14.12 -3.24
C LYS A 298 -22.45 13.17 -4.28
N ARG A 299 -21.36 12.49 -3.97
CA ARG A 299 -20.78 11.50 -4.87
C ARG A 299 -20.72 10.15 -4.15
N LYS A 300 -20.79 9.07 -4.94
CA LYS A 300 -20.93 7.73 -4.37
C LYS A 300 -20.29 6.70 -5.31
N ILE A 301 -19.66 5.67 -4.72
CA ILE A 301 -19.38 4.46 -5.48
C ILE A 301 -20.65 3.62 -5.48
N THR A 302 -21.17 3.33 -6.67
CA THR A 302 -22.45 2.65 -6.80
C THR A 302 -22.36 1.19 -6.35
N VAL A 303 -23.48 0.68 -5.84
CA VAL A 303 -23.66 -0.75 -5.60
C VAL A 303 -24.20 -1.39 -6.88
N ASN A 304 -23.46 -2.34 -7.44
CA ASN A 304 -23.98 -3.13 -8.55
C ASN A 304 -25.30 -3.77 -8.15
N LYS A 305 -26.36 -3.49 -8.91
CA LYS A 305 -27.67 -4.01 -8.51
C LYS A 305 -28.09 -5.21 -9.33
N THR A 306 -27.20 -5.74 -10.18
CA THR A 306 -27.37 -7.02 -10.87
C THR A 306 -26.22 -7.95 -10.48
N ARG A 307 -26.40 -8.73 -9.41
CA ARG A 307 -25.37 -9.70 -9.03
C ARG A 307 -25.26 -10.83 -10.06
N ARG A 308 -24.03 -11.24 -10.38
CA ARG A 308 -23.81 -12.28 -11.38
C ARG A 308 -23.97 -13.67 -10.78
N LEU A 309 -24.38 -14.62 -11.61
CA LEU A 309 -24.32 -16.03 -11.21
C LEU A 309 -23.19 -16.73 -11.94
N PRO A 310 -22.59 -17.76 -11.35
CA PRO A 310 -21.41 -18.40 -11.97
C PRO A 310 -21.78 -19.38 -13.06
N TYR A 311 -20.86 -19.58 -14.00
CA TYR A 311 -21.07 -20.62 -15.00
C TYR A 311 -20.61 -21.99 -14.52
N ALA A 312 -19.78 -22.04 -13.48
CA ALA A 312 -19.31 -23.28 -12.87
C ALA A 312 -18.63 -22.88 -11.57
N SER A 313 -18.02 -23.84 -10.90
CA SER A 313 -17.24 -23.47 -9.72
C SER A 313 -16.05 -24.42 -9.63
N LEU A 314 -15.08 -24.01 -8.83
CA LEU A 314 -14.05 -24.94 -8.40
C LEU A 314 -14.10 -25.00 -6.89
N LYS A 315 -13.50 -26.02 -6.32
CA LYS A 315 -13.57 -26.19 -4.87
C LYS A 315 -12.25 -26.76 -4.37
N ILE A 316 -11.66 -26.09 -3.36
CA ILE A 316 -10.46 -26.60 -2.70
C ILE A 316 -10.89 -27.19 -1.37
N LYS A 317 -10.46 -28.42 -1.06
CA LYS A 317 -10.96 -29.16 0.07
C LYS A 317 -9.84 -29.50 1.04
N GLY A 318 -10.19 -29.44 2.32
CA GLY A 318 -9.31 -29.83 3.40
C GLY A 318 -8.19 -28.85 3.69
N VAL A 319 -8.45 -27.56 3.63
CA VAL A 319 -7.38 -26.58 3.81
C VAL A 319 -7.07 -26.45 5.30
N ARG A 320 -5.81 -26.70 5.66
CA ARG A 320 -5.39 -26.64 7.06
C ARG A 320 -4.16 -25.78 7.24
N HIS A 321 -3.76 -25.01 6.23
CA HIS A 321 -2.56 -24.20 6.33
C HIS A 321 -2.76 -23.13 7.39
N ASN A 322 -1.73 -22.94 8.22
CA ASN A 322 -1.75 -22.01 9.34
C ASN A 322 -2.96 -22.25 10.23
N ASN A 323 -3.82 -21.23 10.44
CA ASN A 323 -4.96 -21.41 11.33
C ASN A 323 -6.22 -21.91 10.62
N LEU A 324 -6.17 -22.24 9.33
CA LEU A 324 -7.38 -22.66 8.62
C LEU A 324 -7.91 -23.99 9.15
N LYS A 325 -9.21 -24.05 9.42
CA LYS A 325 -9.80 -25.13 10.21
C LYS A 325 -10.36 -26.24 9.32
N ASN A 326 -9.48 -26.81 8.49
CA ASN A 326 -9.85 -27.99 7.69
C ASN A 326 -11.09 -27.69 6.85
N ILE A 327 -11.04 -26.55 6.15
CA ILE A 327 -12.21 -25.99 5.47
C ILE A 327 -12.22 -26.40 4.00
N ASP A 328 -13.44 -26.52 3.48
CA ASP A 328 -13.70 -26.67 2.06
C ASP A 328 -14.25 -25.35 1.56
N VAL A 329 -13.66 -24.82 0.50
CA VAL A 329 -13.97 -23.49 0.00
C VAL A 329 -14.35 -23.61 -1.46
N GLU A 330 -15.55 -23.16 -1.79
CA GLU A 330 -16.02 -23.15 -3.16
C GLU A 330 -15.84 -21.77 -3.78
N ILE A 331 -15.21 -21.72 -4.94
CA ILE A 331 -15.02 -20.51 -5.71
C ILE A 331 -15.96 -20.56 -6.91
N PRO A 332 -17.02 -19.76 -6.94
CA PRO A 332 -17.82 -19.64 -8.16
C PRO A 332 -17.04 -18.90 -9.24
N LEU A 333 -17.13 -19.38 -10.47
CA LEU A 333 -16.32 -18.85 -11.54
C LEU A 333 -17.16 -17.93 -12.43
N GLY A 334 -16.49 -16.97 -13.06
CA GLY A 334 -17.20 -16.01 -13.88
C GLY A 334 -17.86 -14.89 -13.10
N VAL A 335 -17.54 -14.72 -11.83
CA VAL A 335 -18.15 -13.69 -11.00
C VAL A 335 -17.04 -12.93 -10.27
N PHE A 336 -17.43 -11.86 -9.58
CA PHE A 336 -16.52 -11.08 -8.73
C PHE A 336 -16.57 -11.63 -7.30
N VAL A 337 -15.45 -12.20 -6.84
CA VAL A 337 -15.36 -12.86 -5.53
C VAL A 337 -14.50 -12.01 -4.59
N CYS A 338 -15.02 -11.70 -3.40
CA CYS A 338 -14.20 -11.11 -2.34
C CYS A 338 -14.01 -12.11 -1.22
N VAL A 339 -12.77 -12.17 -0.72
CA VAL A 339 -12.47 -12.90 0.50
C VAL A 339 -12.22 -11.87 1.60
N THR A 340 -12.97 -11.97 2.71
CA THR A 340 -13.05 -10.93 3.74
C THR A 340 -12.91 -11.56 5.12
N GLY A 341 -12.80 -10.72 6.15
CA GLY A 341 -12.63 -11.19 7.52
C GLY A 341 -11.55 -10.38 8.21
N VAL A 342 -11.55 -10.42 9.55
CA VAL A 342 -10.61 -9.58 10.31
C VAL A 342 -9.18 -10.02 10.02
N SER A 343 -8.22 -9.16 10.37
CA SER A 343 -6.86 -9.54 10.03
C SER A 343 -6.44 -10.72 10.90
N GLY A 344 -5.60 -11.59 10.34
CA GLY A 344 -5.28 -12.86 10.98
C GLY A 344 -6.33 -13.95 10.87
N SER A 345 -7.42 -13.72 10.13
CA SER A 345 -8.44 -14.77 10.04
C SER A 345 -8.07 -15.88 9.06
N GLY A 346 -7.04 -15.70 8.23
CA GLY A 346 -6.62 -16.74 7.30
C GLY A 346 -6.78 -16.39 5.82
N LYS A 347 -7.08 -15.15 5.46
CA LYS A 347 -7.38 -14.83 4.06
C LYS A 347 -6.16 -15.02 3.17
N SER A 348 -5.01 -14.47 3.56
CA SER A 348 -3.85 -14.68 2.70
C SER A 348 -3.37 -16.13 2.79
N SER A 349 -3.50 -16.77 3.97
CA SER A 349 -3.16 -18.19 4.07
C SER A 349 -3.99 -19.01 3.09
N LEU A 350 -5.30 -18.71 2.99
CA LEU A 350 -6.15 -19.47 2.09
C LEU A 350 -5.82 -19.15 0.63
N VAL A 351 -5.83 -17.87 0.28
CA VAL A 351 -5.88 -17.46 -1.11
C VAL A 351 -4.49 -17.38 -1.71
N MET A 352 -3.58 -16.67 -1.02
CA MET A 352 -2.26 -16.41 -1.60
C MET A 352 -1.33 -17.59 -1.40
N GLU A 353 -1.42 -18.30 -0.28
CA GLU A 353 -0.42 -19.29 0.05
C GLU A 353 -0.89 -20.73 -0.15
N THR A 354 -2.16 -20.93 -0.48
CA THR A 354 -2.64 -22.27 -0.77
C THR A 354 -3.30 -22.33 -2.14
N LEU A 355 -4.41 -21.62 -2.33
CA LEU A 355 -5.16 -21.72 -3.58
C LEU A 355 -4.32 -21.28 -4.76
N TYR A 356 -3.62 -20.16 -4.62
CA TYR A 356 -2.84 -19.65 -5.75
C TYR A 356 -1.74 -20.61 -6.20
N PRO A 357 -0.81 -21.05 -5.35
CA PRO A 357 0.21 -22.00 -5.84
C PRO A 357 -0.38 -23.31 -6.28
N ALA A 358 -1.44 -23.78 -5.63
CA ALA A 358 -2.01 -25.07 -6.01
C ALA A 358 -2.58 -25.01 -7.43
N LEU A 359 -3.20 -23.89 -7.80
CA LEU A 359 -3.73 -23.73 -9.15
C LEU A 359 -2.63 -23.41 -10.16
N MET A 360 -1.61 -22.65 -9.77
CA MET A 360 -0.43 -22.52 -10.62
C MET A 360 0.13 -23.90 -10.95
N ASN A 361 0.29 -24.73 -9.92
CA ASN A 361 0.87 -26.05 -10.16
C ASN A 361 -0.03 -26.88 -11.07
N LEU A 362 -1.33 -26.85 -10.85
CA LEU A 362 -2.21 -27.65 -11.70
C LEU A 362 -2.22 -27.16 -13.14
N LEU A 363 -2.32 -25.85 -13.35
CA LEU A 363 -2.63 -25.30 -14.67
C LEU A 363 -1.38 -24.92 -15.47
N HIS A 364 -0.33 -24.40 -14.80
CA HIS A 364 0.82 -23.69 -15.39
C HIS A 364 2.08 -24.14 -14.67
N LYS A 365 2.75 -25.17 -15.17
CA LYS A 365 4.15 -25.34 -14.75
C LYS A 365 4.30 -25.48 -13.22
N THR A 366 4.11 -26.66 -12.67
CA THR A 366 4.18 -26.66 -11.21
C THR A 366 5.60 -26.48 -10.74
N LYS A 367 5.73 -25.92 -9.55
CA LYS A 367 6.44 -26.60 -8.47
C LYS A 367 6.51 -25.67 -7.29
N LEU A 368 5.53 -24.76 -7.18
CA LEU A 368 5.47 -23.83 -6.06
C LEU A 368 5.04 -24.59 -4.81
N PRO A 369 5.63 -24.27 -3.65
CA PRO A 369 5.09 -24.82 -2.39
C PRO A 369 3.74 -24.19 -2.11
N ALA A 370 2.85 -25.00 -1.52
CA ALA A 370 1.47 -24.63 -1.28
C ALA A 370 1.11 -25.02 0.14
N GLY A 371 0.23 -24.26 0.78
CA GLY A 371 -0.24 -24.65 2.10
C GLY A 371 -0.92 -26.01 2.09
N GLU A 372 -1.04 -26.60 3.28
CA GLU A 372 -1.63 -27.94 3.40
C GLU A 372 -3.10 -27.97 2.96
N PHE A 373 -3.45 -28.94 2.12
CA PHE A 373 -4.85 -29.11 1.69
C PHE A 373 -4.96 -30.50 1.08
N ASP A 374 -6.20 -30.96 0.95
CA ASP A 374 -6.45 -32.33 0.49
C ASP A 374 -6.54 -32.39 -1.02
N SER A 375 -7.46 -31.63 -1.62
CA SER A 375 -7.66 -31.80 -3.06
C SER A 375 -8.30 -30.56 -3.66
N ILE A 376 -8.30 -30.48 -4.99
CA ILE A 376 -9.02 -29.45 -5.73
C ILE A 376 -9.89 -30.11 -6.78
N GLU A 377 -11.16 -29.74 -6.86
CA GLU A 377 -12.06 -30.15 -7.92
C GLU A 377 -12.42 -28.95 -8.78
N GLY A 378 -12.65 -29.21 -10.06
CA GLY A 378 -13.20 -28.21 -10.96
C GLY A 378 -12.23 -27.22 -11.55
N HIS A 379 -10.92 -27.42 -11.37
CA HIS A 379 -9.94 -26.50 -11.95
C HIS A 379 -9.93 -26.54 -13.47
N GLU A 380 -10.48 -27.58 -14.07
CA GLU A 380 -10.62 -27.60 -15.51
C GLU A 380 -11.56 -26.52 -16.00
N ASN A 381 -12.33 -25.89 -15.10
CA ASN A 381 -13.26 -24.85 -15.51
C ASN A 381 -12.60 -23.50 -15.69
N ILE A 382 -11.32 -23.37 -15.41
CA ILE A 382 -10.58 -22.17 -15.80
C ILE A 382 -9.41 -22.60 -16.66
N ASP A 383 -8.95 -21.68 -17.47
CA ASP A 383 -7.84 -21.97 -18.37
C ASP A 383 -6.51 -21.43 -17.85
N LYS A 384 -6.53 -20.33 -17.11
CA LYS A 384 -5.32 -19.64 -16.72
C LYS A 384 -5.48 -19.12 -15.30
N MET A 385 -4.35 -19.00 -14.60
CA MET A 385 -4.28 -18.50 -13.24
C MET A 385 -3.23 -17.40 -13.27
N ILE A 386 -3.63 -16.17 -12.94
CA ILE A 386 -2.69 -15.05 -12.93
C ILE A 386 -2.85 -14.31 -11.61
N ALA A 387 -1.76 -14.20 -10.85
CA ALA A 387 -1.74 -13.32 -9.69
C ALA A 387 -1.38 -11.90 -10.13
N ILE A 388 -2.05 -10.91 -9.53
CA ILE A 388 -1.73 -9.50 -9.75
C ILE A 388 -1.39 -8.93 -8.38
N ASP A 389 -0.11 -8.93 -8.03
CA ASP A 389 0.29 -8.63 -6.65
C ASP A 389 1.04 -7.31 -6.62
N GLN A 390 1.58 -6.97 -5.45
CA GLN A 390 2.20 -5.68 -5.24
C GLN A 390 3.72 -5.75 -5.28
N SER A 391 4.28 -6.84 -5.83
CA SER A 391 5.72 -6.87 -6.05
C SER A 391 6.08 -5.90 -7.18
N PRO A 392 7.30 -5.35 -7.18
CA PRO A 392 7.65 -4.30 -8.15
C PRO A 392 7.65 -4.79 -9.59
N ILE A 393 7.47 -3.84 -10.52
CA ILE A 393 7.46 -4.18 -11.94
C ILE A 393 8.87 -4.31 -12.49
N GLY A 394 9.85 -3.79 -11.77
CA GLY A 394 11.24 -3.95 -12.15
C GLY A 394 12.09 -3.58 -10.95
N ARG A 395 13.36 -3.95 -11.03
CA ARG A 395 14.29 -3.77 -9.91
C ARG A 395 15.35 -2.72 -10.19
N THR A 396 15.38 -2.16 -11.40
CA THR A 396 16.29 -1.06 -11.71
C THR A 396 15.52 0.09 -12.33
N PRO A 397 16.00 1.31 -12.18
CA PRO A 397 15.37 2.46 -12.83
C PRO A 397 15.37 2.41 -14.36
N ARG A 398 16.04 1.40 -14.95
CA ARG A 398 15.88 1.12 -16.38
C ARG A 398 14.47 0.66 -16.74
N SER A 399 13.66 0.27 -15.75
CA SER A 399 12.27 -0.07 -15.98
C SER A 399 11.41 1.12 -15.57
N ASN A 400 10.33 1.34 -16.32
CA ASN A 400 9.36 2.38 -15.96
C ASN A 400 8.00 1.95 -16.49
N PRO A 401 6.93 2.69 -16.24
CA PRO A 401 5.62 2.25 -16.77
C PRO A 401 5.59 2.13 -18.29
N ALA A 402 6.32 2.99 -19.01
CA ALA A 402 6.28 2.91 -20.47
C ALA A 402 6.99 1.65 -20.99
N THR A 403 8.13 1.28 -20.40
CA THR A 403 8.79 0.06 -20.87
C THR A 403 8.01 -1.18 -20.45
N TYR A 404 7.45 -1.18 -19.22
CA TYR A 404 6.77 -2.38 -18.71
C TYR A 404 5.53 -2.69 -19.54
N THR A 405 4.72 -1.68 -19.83
CA THR A 405 3.55 -1.91 -20.67
C THR A 405 3.93 -1.97 -22.13
N LYS A 406 5.20 -1.69 -22.43
CA LYS A 406 5.81 -1.74 -23.75
C LYS A 406 5.22 -0.73 -24.74
N VAL A 407 4.61 0.34 -24.24
CA VAL A 407 4.22 1.44 -25.14
C VAL A 407 5.47 2.24 -25.57
N PHE A 408 6.53 2.21 -24.79
CA PHE A 408 7.72 2.95 -25.18
C PHE A 408 8.30 2.44 -26.50
N ASP A 409 8.19 1.14 -26.78
CA ASP A 409 8.65 0.67 -28.09
C ASP A 409 7.87 1.34 -29.21
N GLU A 410 6.58 1.56 -29.00
CA GLU A 410 5.78 2.26 -30.01
C GLU A 410 6.18 3.72 -30.12
N ILE A 411 6.45 4.37 -28.99
CA ILE A 411 6.87 5.77 -29.02
C ILE A 411 8.22 5.92 -29.73
N ARG A 412 9.14 4.99 -29.48
CA ARG A 412 10.45 4.99 -30.15
C ARG A 412 10.30 4.79 -31.66
N SER A 413 9.44 3.86 -32.09
CA SER A 413 9.19 3.73 -33.53
C SER A 413 8.67 5.05 -34.11
N LEU A 414 7.74 5.68 -33.40
CA LEU A 414 7.16 6.93 -33.86
C LEU A 414 8.24 8.01 -34.03
N PHE A 415 9.13 8.12 -33.05
CA PHE A 415 10.20 9.09 -33.18
C PHE A 415 11.12 8.74 -34.33
N ALA A 416 11.48 7.46 -34.47
CA ALA A 416 12.27 7.04 -35.61
C ALA A 416 11.61 7.36 -36.94
N MET A 417 10.29 7.53 -36.95
CA MET A 417 9.62 7.76 -38.21
C MET A 417 9.53 9.23 -38.58
N THR A 418 9.93 10.15 -37.69
CA THR A 418 9.90 11.55 -38.07
C THR A 418 10.87 11.80 -39.23
N PRO A 419 10.58 12.80 -40.08
CA PRO A 419 11.50 13.11 -41.19
C PRO A 419 12.91 13.44 -40.71
N ALA A 420 13.02 14.12 -39.57
CA ALA A 420 14.35 14.49 -39.08
C ALA A 420 15.14 13.26 -38.64
N ALA A 421 14.48 12.31 -37.94
CA ALA A 421 15.19 11.08 -37.56
C ALA A 421 15.60 10.27 -38.78
N LYS A 422 14.69 10.12 -39.76
CA LYS A 422 15.06 9.36 -40.95
C LYS A 422 16.20 10.03 -41.69
N ALA A 423 16.25 11.36 -41.67
CA ALA A 423 17.32 12.02 -42.43
C ALA A 423 18.64 11.94 -41.69
N ARG A 424 18.59 11.78 -40.36
CA ARG A 424 19.81 11.60 -39.56
C ARG A 424 20.24 10.14 -39.43
N GLY A 425 19.51 9.21 -40.03
CA GLY A 425 19.83 7.80 -39.87
C GLY A 425 19.51 7.20 -38.50
N TYR A 426 18.58 7.80 -37.75
CA TYR A 426 18.24 7.30 -36.41
C TYR A 426 17.13 6.26 -36.50
N ASN A 427 17.43 5.01 -36.19
CA ASN A 427 16.36 4.03 -36.05
C ASN A 427 15.80 4.07 -34.63
N LYS A 428 14.82 3.21 -34.36
CA LYS A 428 14.16 3.29 -33.07
C LYS A 428 15.11 2.99 -31.90
N SER A 429 16.17 2.21 -32.14
CA SER A 429 17.12 1.92 -31.06
C SER A 429 17.83 3.18 -30.57
N ARG A 430 17.99 4.17 -31.46
CA ARG A 430 18.54 5.45 -31.04
C ARG A 430 17.75 6.05 -29.89
N PHE A 431 16.43 5.81 -29.84
CA PHE A 431 15.62 6.43 -28.79
C PHE A 431 15.43 5.54 -27.56
N SER A 432 16.19 4.46 -27.44
CA SER A 432 16.22 3.66 -26.21
C SER A 432 17.33 4.15 -25.30
N PHE A 433 17.01 4.34 -24.01
CA PHE A 433 18.05 4.66 -23.03
C PHE A 433 18.74 3.42 -22.49
N ASN A 434 18.38 2.22 -23.00
CA ASN A 434 19.01 0.97 -22.61
C ASN A 434 20.04 0.46 -23.63
N LEU A 435 20.23 1.16 -24.74
CA LEU A 435 21.14 0.78 -25.79
C LEU A 435 22.11 1.93 -26.05
N LYS A 436 23.35 1.57 -26.41
CA LYS A 436 24.32 2.60 -26.77
C LYS A 436 23.96 3.22 -28.12
N GLY A 437 24.22 4.51 -28.24
CA GLY A 437 23.93 5.22 -29.49
C GLY A 437 23.30 6.56 -29.22
N GLY A 438 22.07 6.55 -28.70
CA GLY A 438 21.34 7.77 -28.42
C GLY A 438 21.38 8.17 -26.96
N ARG A 439 21.50 7.18 -26.07
CA ARG A 439 21.58 7.42 -24.65
C ARG A 439 22.88 8.13 -24.26
N CYS A 440 22.82 8.86 -23.15
CA CYS A 440 24.01 9.51 -22.61
C CYS A 440 24.93 8.44 -22.03
N GLU A 441 26.12 8.30 -22.62
CA GLU A 441 27.00 7.20 -22.24
C GLU A 441 27.70 7.46 -20.90
N ALA A 442 27.84 8.72 -20.48
CA ALA A 442 28.40 9.01 -19.16
C ALA A 442 27.53 8.41 -18.06
N CYS A 443 26.22 8.64 -18.12
CA CYS A 443 25.32 8.22 -17.05
C CYS A 443 24.57 6.93 -17.37
N GLN A 444 25.06 6.13 -18.32
CA GLN A 444 24.53 4.82 -18.67
C GLN A 444 23.13 4.88 -19.28
N GLY A 445 22.62 6.08 -19.56
CA GLY A 445 21.23 6.24 -19.90
C GLY A 445 20.32 6.20 -18.68
N GLN A 446 20.75 6.80 -17.57
CA GLN A 446 19.92 6.89 -16.37
C GLN A 446 19.80 8.29 -15.79
N GLY A 447 20.74 9.20 -16.04
CA GLY A 447 20.61 10.57 -15.59
C GLY A 447 21.36 10.93 -14.32
N TYR A 448 22.10 10.00 -13.73
CA TYR A 448 22.79 10.24 -12.48
C TYR A 448 23.98 9.31 -12.38
N VAL A 449 25.03 9.79 -11.69
CA VAL A 449 26.26 9.04 -11.50
C VAL A 449 26.59 8.98 -10.02
N LYS A 450 27.34 7.94 -9.65
CA LYS A 450 27.76 7.70 -8.28
C LYS A 450 29.18 8.20 -8.05
N ILE A 451 29.63 8.11 -6.80
CA ILE A 451 31.01 8.37 -6.43
C ILE A 451 31.67 7.04 -6.15
N GLU A 452 32.75 6.72 -6.88
CA GLU A 452 33.41 5.45 -6.62
C GLU A 452 34.14 5.51 -5.28
N MET A 453 33.41 5.19 -4.21
CA MET A 453 34.00 4.87 -2.92
C MET A 453 34.56 3.45 -3.00
N LEU A 454 34.50 2.74 -1.88
CA LEU A 454 34.35 1.30 -1.90
C LEU A 454 33.17 0.95 -1.02
N PHE A 455 32.47 -0.11 -1.42
CA PHE A 455 31.01 -0.19 -1.44
C PHE A 455 30.23 0.09 -0.15
N LEU A 456 29.54 1.23 -0.11
CA LEU A 456 28.41 1.53 0.76
C LEU A 456 27.52 2.52 0.02
N PRO A 457 26.23 2.70 0.46
CA PRO A 457 25.30 3.54 -0.32
C PRO A 457 25.82 4.94 -0.64
N ASP A 458 26.46 5.08 -1.81
CA ASP A 458 27.08 6.34 -2.21
C ASP A 458 26.02 7.38 -2.59
N VAL A 459 26.48 8.61 -2.83
CA VAL A 459 25.62 9.67 -3.30
C VAL A 459 25.40 9.51 -4.80
N TYR A 460 24.16 9.71 -5.25
CA TYR A 460 23.77 9.62 -6.65
C TYR A 460 23.49 11.04 -7.13
N VAL A 461 24.52 11.70 -7.66
CA VAL A 461 24.37 13.09 -8.11
C VAL A 461 23.86 13.09 -9.54
N GLU A 462 23.11 14.13 -9.90
CA GLU A 462 22.58 14.24 -11.24
C GLU A 462 23.72 14.36 -12.25
N CYS A 463 23.59 13.64 -13.36
CA CYS A 463 24.57 13.74 -14.42
C CYS A 463 24.65 15.18 -14.91
N ASP A 464 25.85 15.77 -14.86
CA ASP A 464 26.02 17.14 -15.30
C ASP A 464 26.11 17.25 -16.82
N VAL A 465 26.37 16.14 -17.52
CA VAL A 465 26.41 16.17 -18.98
C VAL A 465 25.00 16.32 -19.54
N CYS A 466 24.12 15.37 -19.22
CA CYS A 466 22.79 15.37 -19.78
C CYS A 466 21.78 16.15 -18.94
N LYS A 467 22.16 16.57 -17.73
CA LYS A 467 21.25 17.25 -16.79
C LYS A 467 20.03 16.40 -16.46
N GLY A 468 20.19 15.08 -16.41
CA GLY A 468 19.11 14.18 -16.05
C GLY A 468 18.21 13.71 -17.18
N LYS A 469 18.45 14.15 -18.43
CA LYS A 469 17.50 13.87 -19.50
C LYS A 469 17.67 12.50 -20.15
N ARG A 470 18.76 11.78 -19.86
CA ARG A 470 19.05 10.39 -20.19
C ARG A 470 19.62 10.18 -21.60
N TYR A 471 19.57 11.17 -22.47
CA TYR A 471 20.00 11.02 -23.86
C TYR A 471 21.04 12.09 -24.18
N ASN A 472 21.88 11.81 -25.19
CA ASN A 472 22.84 12.82 -25.60
C ASN A 472 22.12 13.94 -26.34
N ARG A 473 22.80 15.08 -26.46
CA ARG A 473 22.15 16.26 -27.01
C ARG A 473 21.70 16.04 -28.47
N GLU A 474 22.44 15.25 -29.25
CA GLU A 474 22.06 14.99 -30.65
C GLU A 474 20.68 14.31 -30.71
N THR A 475 20.48 13.26 -29.92
CA THR A 475 19.19 12.57 -29.89
C THR A 475 18.06 13.49 -29.43
N LEU A 476 18.34 14.38 -28.49
CA LEU A 476 17.33 15.29 -27.98
C LEU A 476 16.89 16.34 -28.99
N GLU A 477 17.63 16.51 -30.08
CA GLU A 477 17.25 17.48 -31.11
C GLU A 477 16.06 17.01 -31.94
N ILE A 478 15.79 15.71 -31.96
CA ILE A 478 14.61 15.20 -32.67
C ILE A 478 13.38 15.51 -31.83
N THR A 479 12.39 16.15 -32.45
CA THR A 479 11.13 16.41 -31.77
C THR A 479 9.98 15.83 -32.59
N TYR A 480 8.91 15.51 -31.88
CA TYR A 480 7.62 15.10 -32.46
C TYR A 480 6.60 16.01 -31.82
N LYS A 481 5.98 16.90 -32.62
CA LYS A 481 5.05 17.91 -32.11
C LYS A 481 5.68 18.75 -31.02
N GLY A 482 6.94 19.13 -31.22
CA GLY A 482 7.64 19.99 -30.28
C GLY A 482 8.22 19.29 -29.08
N LYS A 483 8.01 17.98 -28.94
CA LYS A 483 8.51 17.24 -27.79
C LYS A 483 9.63 16.31 -28.22
N ASN A 484 10.71 16.27 -27.44
CA ASN A 484 11.76 15.29 -27.66
C ASN A 484 11.46 14.06 -26.79
N ILE A 485 12.28 13.01 -26.94
CA ILE A 485 11.98 11.74 -26.27
C ILE A 485 12.03 11.90 -24.74
N SER A 486 12.93 12.75 -24.25
CA SER A 486 12.99 13.05 -22.83
C SER A 486 11.69 13.68 -22.35
N ASP A 487 11.14 14.59 -23.16
CA ASP A 487 9.86 15.23 -22.85
C ASP A 487 8.73 14.20 -22.73
N ILE A 488 8.73 13.20 -23.62
CA ILE A 488 7.70 12.16 -23.56
C ILE A 488 7.81 11.40 -22.27
N LEU A 489 9.05 11.06 -21.87
CA LEU A 489 9.22 10.34 -20.60
C LEU A 489 8.80 11.18 -19.39
N ASP A 490 8.79 12.50 -19.53
CA ASP A 490 8.32 13.36 -18.44
C ASP A 490 6.81 13.63 -18.47
N MET A 491 6.08 13.09 -19.44
CA MET A 491 4.63 13.27 -19.46
C MET A 491 3.96 12.33 -18.47
N THR A 492 2.92 12.82 -17.76
CA THR A 492 2.04 11.90 -17.07
C THR A 492 1.23 11.11 -18.11
N VAL A 493 0.64 10.01 -17.65
CA VAL A 493 -0.16 9.18 -18.53
C VAL A 493 -1.29 9.98 -19.17
N ASP A 494 -1.96 10.85 -18.40
CA ASP A 494 -3.08 11.62 -18.97
C ASP A 494 -2.60 12.61 -20.03
N GLU A 495 -1.51 13.33 -19.73
CA GLU A 495 -0.88 14.19 -20.74
C GLU A 495 -0.55 13.39 -21.98
N ALA A 496 0.13 12.26 -21.81
CA ALA A 496 0.54 11.47 -22.97
C ALA A 496 -0.68 10.93 -23.70
N LEU A 497 -1.73 10.59 -22.96
CA LEU A 497 -2.95 10.05 -23.55
C LEU A 497 -3.61 11.08 -24.45
N GLU A 498 -3.59 12.36 -24.04
CA GLU A 498 -4.06 13.41 -24.95
C GLU A 498 -3.08 13.60 -26.12
N PHE A 499 -1.79 13.63 -25.81
CA PHE A 499 -0.76 13.92 -26.80
C PHE A 499 -0.77 12.90 -27.94
N PHE A 500 -1.05 11.63 -27.63
CA PHE A 500 -1.00 10.53 -28.58
C PHE A 500 -2.39 10.02 -28.96
N LYS A 501 -3.43 10.82 -28.74
CA LYS A 501 -4.78 10.30 -28.91
C LYS A 501 -5.08 9.85 -30.34
N ASN A 502 -4.27 10.25 -31.32
CA ASN A 502 -4.48 9.82 -32.69
C ASN A 502 -3.65 8.60 -33.08
N ILE A 503 -2.95 7.97 -32.13
CA ILE A 503 -2.15 6.78 -32.42
C ILE A 503 -2.76 5.59 -31.69
N PRO A 504 -3.53 4.75 -32.39
CA PRO A 504 -4.37 3.76 -31.68
C PRO A 504 -3.60 2.82 -30.74
N SER A 505 -2.48 2.25 -31.17
CA SER A 505 -1.81 1.30 -30.29
C SER A 505 -1.28 1.99 -29.04
N ILE A 506 -0.87 3.25 -29.15
CA ILE A 506 -0.37 3.95 -27.97
C ILE A 506 -1.53 4.37 -27.07
N LYS A 507 -2.55 4.96 -27.68
CA LYS A 507 -3.73 5.38 -26.95
C LYS A 507 -4.37 4.23 -26.18
N ARG A 508 -4.38 3.02 -26.75
CA ARG A 508 -5.01 1.89 -26.05
C ARG A 508 -4.32 1.60 -24.72
N THR A 509 -2.99 1.51 -24.74
CA THR A 509 -2.21 1.25 -23.53
C THR A 509 -2.36 2.39 -22.53
N LEU A 510 -2.19 3.63 -23.00
CA LEU A 510 -2.36 4.77 -22.10
C LEU A 510 -3.76 4.80 -21.52
N GLN A 511 -4.76 4.43 -22.32
CA GLN A 511 -6.13 4.44 -21.84
C GLN A 511 -6.33 3.45 -20.70
N VAL A 512 -5.78 2.24 -20.81
CA VAL A 512 -5.98 1.32 -19.68
C VAL A 512 -5.22 1.80 -18.45
N LEU A 513 -4.05 2.42 -18.62
CA LEU A 513 -3.37 3.01 -17.46
C LEU A 513 -4.24 4.10 -16.82
N HIS A 514 -4.93 4.88 -17.63
CA HIS A 514 -5.82 5.90 -17.07
C HIS A 514 -7.02 5.26 -16.37
N ASP A 515 -7.56 4.18 -16.95
CA ASP A 515 -8.75 3.55 -16.43
C ASP A 515 -8.48 2.88 -15.07
N VAL A 516 -7.28 2.35 -14.83
CA VAL A 516 -6.99 1.79 -13.50
C VAL A 516 -6.62 2.87 -12.49
N GLY A 517 -6.66 4.14 -12.89
CA GLY A 517 -6.40 5.23 -11.97
C GLY A 517 -4.97 5.74 -11.92
N LEU A 518 -4.15 5.46 -12.93
CA LEU A 518 -2.74 5.87 -12.95
C LEU A 518 -2.46 7.01 -13.94
N GLY A 519 -3.50 7.80 -14.25
CA GLY A 519 -3.29 8.93 -15.15
C GLY A 519 -2.26 9.93 -14.64
N TYR A 520 -1.98 9.94 -13.34
CA TYR A 520 -1.04 10.89 -12.77
C TYR A 520 0.41 10.45 -12.91
N VAL A 521 0.65 9.18 -13.25
CA VAL A 521 1.99 8.61 -13.23
C VAL A 521 2.74 9.04 -14.47
N LYS A 522 3.99 9.41 -14.28
CA LYS A 522 4.82 9.79 -15.42
C LYS A 522 5.33 8.55 -16.15
N LEU A 523 5.43 8.65 -17.47
CA LEU A 523 5.84 7.51 -18.29
C LEU A 523 7.24 7.03 -17.94
N GLY A 524 8.12 7.93 -17.52
CA GLY A 524 9.48 7.55 -17.20
C GLY A 524 9.79 7.40 -15.72
N GLN A 525 8.77 7.42 -14.84
CA GLN A 525 9.04 7.25 -13.41
C GLN A 525 9.74 5.92 -13.19
N PRO A 526 10.90 5.91 -12.54
CA PRO A 526 11.66 4.65 -12.43
C PRO A 526 10.90 3.64 -11.59
N ALA A 527 10.96 2.37 -12.02
CA ALA A 527 10.21 1.31 -11.36
C ALA A 527 10.46 1.30 -9.85
N THR A 528 11.68 1.61 -9.43
CA THR A 528 12.07 1.45 -8.04
C THR A 528 11.43 2.50 -7.14
N THR A 529 10.83 3.54 -7.71
CA THR A 529 10.16 4.56 -6.95
C THR A 529 8.65 4.35 -6.91
N LEU A 530 8.14 3.30 -7.52
CA LEU A 530 6.69 3.09 -7.54
C LEU A 530 6.25 2.35 -6.28
N SER A 531 5.11 2.75 -5.72
CA SER A 531 4.58 1.99 -4.59
C SER A 531 4.12 0.60 -5.04
N GLY A 532 3.91 -0.27 -4.06
CA GLY A 532 3.43 -1.60 -4.39
C GLY A 532 2.05 -1.56 -5.03
N GLY A 533 1.20 -0.65 -4.57
CA GLY A 533 -0.11 -0.50 -5.17
C GLY A 533 -0.02 0.00 -6.61
N GLU A 534 0.86 0.95 -6.87
CA GLU A 534 1.06 1.41 -8.24
C GLU A 534 1.56 0.29 -9.14
N ALA A 535 2.54 -0.50 -8.67
CA ALA A 535 2.99 -1.66 -9.44
C ALA A 535 1.85 -2.61 -9.75
N GLN A 536 1.03 -2.90 -8.74
CA GLN A 536 -0.10 -3.81 -8.92
C GLN A 536 -1.06 -3.27 -9.97
N ARG A 537 -1.37 -1.96 -9.91
CA ARG A 537 -2.31 -1.39 -10.87
C ARG A 537 -1.74 -1.30 -12.27
N ILE A 538 -0.42 -1.12 -12.41
CA ILE A 538 0.20 -1.22 -13.75
C ILE A 538 0.01 -2.63 -14.31
N LYS A 539 0.27 -3.64 -13.48
CA LYS A 539 0.08 -5.01 -13.95
C LYS A 539 -1.39 -5.26 -14.28
N LEU A 540 -2.29 -4.72 -13.47
CA LEU A 540 -3.73 -4.84 -13.75
C LEU A 540 -4.06 -4.23 -15.11
N ALA A 541 -3.52 -3.04 -15.41
CA ALA A 541 -3.78 -2.41 -16.70
C ALA A 541 -3.22 -3.27 -17.84
N SER A 542 -2.09 -3.92 -17.61
CA SER A 542 -1.53 -4.80 -18.65
C SER A 542 -2.48 -5.95 -18.93
N GLU A 543 -3.09 -6.51 -17.88
CA GLU A 543 -4.04 -7.60 -18.10
C GLU A 543 -5.30 -7.09 -18.79
N LEU A 544 -5.76 -5.91 -18.40
CA LEU A 544 -6.96 -5.35 -18.99
C LEU A 544 -6.78 -5.09 -20.47
N ARG A 545 -5.55 -4.72 -20.87
CA ARG A 545 -5.26 -4.41 -22.27
C ARG A 545 -5.31 -5.64 -23.16
N LYS A 546 -5.18 -6.83 -22.59
CA LYS A 546 -5.06 -8.03 -23.41
C LYS A 546 -6.43 -8.47 -23.90
N ARG A 547 -6.44 -9.10 -25.07
CA ARG A 547 -7.68 -9.58 -25.66
C ARG A 547 -7.81 -11.09 -25.45
N ASP A 548 -9.06 -11.55 -25.52
CA ASP A 548 -9.40 -12.97 -25.48
C ASP A 548 -8.77 -13.67 -24.27
N THR A 549 -8.94 -13.06 -23.09
CA THR A 549 -8.46 -13.71 -21.87
C THR A 549 -9.39 -14.85 -21.47
N GLY A 550 -10.69 -14.68 -21.69
CA GLY A 550 -11.63 -15.75 -21.47
C GLY A 550 -11.73 -16.19 -20.03
N ARG A 551 -11.41 -17.47 -19.76
CA ARG A 551 -11.54 -18.07 -18.44
C ARG A 551 -10.20 -18.03 -17.70
N THR A 552 -9.78 -16.81 -17.41
CA THR A 552 -8.63 -16.52 -16.55
C THR A 552 -9.15 -16.20 -15.16
N LEU A 553 -8.56 -16.84 -14.14
CA LEU A 553 -8.77 -16.42 -12.76
C LEU A 553 -7.65 -15.47 -12.38
N TYR A 554 -8.02 -14.26 -11.94
CA TYR A 554 -7.09 -13.29 -11.40
C TYR A 554 -7.24 -13.24 -9.89
N ILE A 555 -6.13 -13.22 -9.16
CA ILE A 555 -6.12 -13.05 -7.70
C ILE A 555 -5.42 -11.73 -7.40
N LEU A 556 -6.06 -10.86 -6.61
CA LEU A 556 -5.47 -9.58 -6.22
C LEU A 556 -5.57 -9.41 -4.71
N ASP A 557 -4.43 -9.20 -4.06
CA ASP A 557 -4.38 -8.95 -2.62
C ASP A 557 -4.47 -7.45 -2.35
N GLU A 558 -5.53 -7.03 -1.65
CA GLU A 558 -5.73 -5.66 -1.19
C GLU A 558 -5.42 -4.62 -2.29
N PRO A 559 -6.15 -4.65 -3.40
CA PRO A 559 -5.80 -3.71 -4.49
C PRO A 559 -6.20 -2.25 -4.22
N THR A 560 -6.86 -1.94 -3.10
CA THR A 560 -7.21 -0.56 -2.78
C THR A 560 -6.14 0.17 -1.96
N VAL A 561 -4.97 -0.44 -1.69
CA VAL A 561 -3.95 0.33 -0.97
C VAL A 561 -3.67 1.61 -1.74
N GLY A 562 -3.64 2.74 -1.04
CA GLY A 562 -3.30 3.99 -1.68
C GLY A 562 -4.42 4.68 -2.42
N LEU A 563 -5.65 4.15 -2.38
CA LEU A 563 -6.71 4.61 -3.27
C LEU A 563 -7.73 5.47 -2.52
N HIS A 564 -7.95 6.66 -3.03
CA HIS A 564 -9.01 7.56 -2.64
C HIS A 564 -10.33 7.01 -3.17
N PHE A 565 -11.44 7.52 -2.62
CA PHE A 565 -12.78 7.18 -3.11
C PHE A 565 -12.84 7.13 -4.64
N GLU A 566 -12.37 8.19 -5.31
CA GLU A 566 -12.51 8.25 -6.77
C GLU A 566 -11.68 7.17 -7.44
N ASP A 567 -10.50 6.89 -6.87
CA ASP A 567 -9.62 5.83 -7.38
C ASP A 567 -10.25 4.46 -7.22
N VAL A 568 -10.91 4.23 -6.07
CA VAL A 568 -11.61 2.97 -5.85
C VAL A 568 -12.75 2.83 -6.83
N ARG A 569 -13.49 3.93 -7.09
CA ARG A 569 -14.53 3.90 -8.12
C ARG A 569 -13.98 3.37 -9.44
N LYS A 570 -12.81 3.89 -9.84
CA LYS A 570 -12.16 3.41 -11.07
C LYS A 570 -11.76 1.94 -10.97
N LEU A 571 -11.15 1.56 -9.85
CA LEU A 571 -10.70 0.18 -9.69
C LEU A 571 -11.87 -0.80 -9.81
N VAL A 572 -12.99 -0.46 -9.17
CA VAL A 572 -14.18 -1.30 -9.21
C VAL A 572 -14.70 -1.44 -10.64
N GLU A 573 -14.79 -0.32 -11.38
CA GLU A 573 -15.16 -0.41 -12.80
C GLU A 573 -14.27 -1.40 -13.55
N VAL A 574 -12.95 -1.31 -13.35
CA VAL A 574 -12.02 -2.18 -14.06
C VAL A 574 -12.26 -3.65 -13.69
N LEU A 575 -12.48 -3.92 -12.40
CA LEU A 575 -12.67 -5.31 -11.98
C LEU A 575 -13.95 -5.89 -12.59
N HIS A 576 -15.05 -5.11 -12.58
CA HIS A 576 -16.27 -5.52 -13.28
C HIS A 576 -16.03 -5.72 -14.77
N ARG A 577 -15.13 -4.95 -15.36
CA ARG A 577 -14.84 -5.16 -16.78
C ARG A 577 -14.16 -6.51 -17.00
N LEU A 578 -13.18 -6.85 -16.16
CA LEU A 578 -12.54 -8.14 -16.28
C LEU A 578 -13.57 -9.27 -16.15
N VAL A 579 -14.44 -9.18 -15.14
CA VAL A 579 -15.43 -10.24 -14.98
C VAL A 579 -16.41 -10.27 -16.14
N ASP A 580 -16.79 -9.09 -16.66
CA ASP A 580 -17.75 -9.02 -17.75
C ASP A 580 -17.26 -9.74 -18.98
N ARG A 581 -15.94 -9.75 -19.23
CA ARG A 581 -15.46 -10.44 -20.43
C ARG A 581 -15.17 -11.92 -20.18
N GLY A 582 -15.67 -12.48 -19.08
CA GLY A 582 -15.61 -13.92 -18.88
C GLY A 582 -14.64 -14.39 -17.81
N ASN A 583 -13.81 -13.49 -17.25
CA ASN A 583 -12.81 -13.87 -16.25
C ASN A 583 -13.45 -14.07 -14.88
N THR A 584 -12.65 -14.61 -13.98
CA THR A 584 -12.98 -14.64 -12.55
C THR A 584 -12.00 -13.74 -11.81
N VAL A 585 -12.48 -13.02 -10.81
CA VAL A 585 -11.61 -12.18 -10.01
C VAL A 585 -11.83 -12.56 -8.56
N ILE A 586 -10.75 -12.84 -7.83
CA ILE A 586 -10.77 -13.00 -6.38
C ILE A 586 -9.93 -11.89 -5.78
N VAL A 587 -10.52 -11.08 -4.90
CA VAL A 587 -9.73 -10.06 -4.23
C VAL A 587 -9.84 -10.29 -2.74
N ILE A 588 -8.73 -10.11 -2.05
CA ILE A 588 -8.72 -10.02 -0.60
C ILE A 588 -8.91 -8.55 -0.24
N GLU A 589 -9.99 -8.23 0.47
CA GLU A 589 -10.22 -6.82 0.77
C GLU A 589 -10.88 -6.62 2.12
N HIS A 590 -10.57 -5.47 2.72
CA HIS A 590 -11.32 -4.86 3.80
C HIS A 590 -12.19 -3.71 3.36
N ASN A 591 -11.97 -3.18 2.16
CA ASN A 591 -12.66 -1.98 1.69
C ASN A 591 -14.11 -2.30 1.35
N LEU A 592 -15.03 -1.59 2.01
CA LEU A 592 -16.44 -1.91 1.89
C LEU A 592 -17.02 -1.45 0.56
N ASP A 593 -16.42 -0.45 -0.09
CA ASP A 593 -16.91 -0.06 -1.40
C ASP A 593 -16.58 -1.11 -2.46
N VAL A 594 -15.49 -1.85 -2.26
CA VAL A 594 -15.24 -3.00 -3.13
C VAL A 594 -16.14 -4.17 -2.75
N ILE A 595 -16.17 -4.49 -1.45
CA ILE A 595 -16.92 -5.66 -0.98
C ILE A 595 -18.40 -5.56 -1.33
N LYS A 596 -18.99 -4.35 -1.20
CA LYS A 596 -20.40 -4.22 -1.52
C LYS A 596 -20.68 -4.43 -3.01
N ASN A 597 -19.63 -4.46 -3.83
CA ASN A 597 -19.73 -4.75 -5.27
C ASN A 597 -19.44 -6.20 -5.62
N ALA A 598 -19.11 -7.04 -4.66
CA ALA A 598 -18.82 -8.44 -4.95
C ALA A 598 -20.09 -9.17 -5.39
N ASP A 599 -19.93 -10.14 -6.30
CA ASP A 599 -21.01 -11.09 -6.57
C ASP A 599 -21.07 -12.15 -5.47
N HIS A 600 -19.95 -12.45 -4.86
CA HIS A 600 -19.90 -13.54 -3.89
C HIS A 600 -18.81 -13.20 -2.89
N ILE A 601 -19.09 -13.46 -1.62
CA ILE A 601 -18.16 -13.18 -0.53
C ILE A 601 -17.90 -14.48 0.21
N ILE A 602 -16.64 -14.70 0.55
CA ILE A 602 -16.24 -15.74 1.49
C ILE A 602 -15.62 -15.04 2.69
N ASP A 603 -16.30 -15.12 3.83
CA ASP A 603 -15.92 -14.37 5.03
C ASP A 603 -15.31 -15.34 6.02
N LEU A 604 -14.07 -15.08 6.42
CA LEU A 604 -13.34 -15.96 7.32
C LEU A 604 -13.30 -15.36 8.72
N GLY A 605 -13.06 -16.20 9.70
CA GLY A 605 -12.89 -15.75 11.07
C GLY A 605 -13.41 -16.78 12.05
N PRO A 606 -14.21 -16.32 13.05
CA PRO A 606 -14.69 -14.95 13.29
C PRO A 606 -13.59 -13.95 13.72
N GLU A 607 -12.63 -14.39 14.54
CA GLU A 607 -11.50 -13.58 14.98
C GLU A 607 -10.26 -13.90 14.14
N GLY A 608 -9.11 -13.41 14.58
CA GLY A 608 -7.83 -13.77 13.98
C GLY A 608 -7.12 -14.83 14.83
N GLY A 609 -6.14 -15.53 14.26
CA GLY A 609 -5.37 -16.49 15.06
C GLY A 609 -6.11 -17.78 15.32
N LYS A 610 -5.92 -18.35 16.51
CA LYS A 610 -6.55 -19.63 16.85
C LYS A 610 -8.06 -19.58 16.73
N GLU A 611 -8.67 -18.43 17.04
CA GLU A 611 -10.13 -18.28 16.97
C GLU A 611 -10.62 -17.80 15.59
N GLY A 612 -9.75 -17.81 14.59
CA GLY A 612 -10.15 -17.60 13.22
C GLY A 612 -9.99 -18.87 12.39
N GLY A 613 -9.98 -18.70 11.07
CA GLY A 613 -9.74 -19.81 10.19
C GLY A 613 -10.97 -20.60 9.82
N TYR A 614 -12.13 -20.24 10.34
CA TYR A 614 -13.40 -20.83 9.97
C TYR A 614 -14.01 -20.00 8.87
N ILE A 615 -14.88 -20.63 8.08
CA ILE A 615 -15.77 -19.91 7.18
C ILE A 615 -16.96 -19.45 7.99
N VAL A 616 -17.06 -18.14 8.25
CA VAL A 616 -18.19 -17.67 9.04
C VAL A 616 -19.42 -17.43 8.17
N ALA A 617 -19.25 -17.02 6.90
CA ALA A 617 -20.40 -16.73 6.06
C ALA A 617 -19.96 -16.70 4.61
N THR A 618 -20.87 -17.11 3.72
CA THR A 618 -20.71 -16.99 2.27
C THR A 618 -22.03 -16.51 1.65
N GLY A 619 -21.93 -15.91 0.44
CA GLY A 619 -23.09 -15.48 -0.33
C GLY A 619 -22.90 -14.07 -0.87
N THR A 620 -24.00 -13.46 -1.32
CA THR A 620 -23.95 -12.08 -1.81
C THR A 620 -23.69 -11.10 -0.67
N PRO A 621 -23.34 -9.84 -1.00
CA PRO A 621 -23.26 -8.82 0.06
C PRO A 621 -24.52 -8.73 0.89
N GLU A 622 -25.69 -8.87 0.26
CA GLU A 622 -26.94 -8.82 1.02
C GLU A 622 -27.02 -9.97 2.01
N GLU A 623 -26.67 -11.18 1.58
CA GLU A 623 -26.70 -12.33 2.48
C GLU A 623 -25.71 -12.18 3.63
N ILE A 624 -24.48 -11.74 3.32
CA ILE A 624 -23.48 -11.51 4.38
C ILE A 624 -24.01 -10.50 5.38
N ALA A 625 -24.57 -9.40 4.88
CA ALA A 625 -25.14 -8.36 5.73
C ALA A 625 -26.19 -8.93 6.68
N LYS A 626 -26.93 -9.94 6.26
CA LYS A 626 -27.96 -10.49 7.12
C LYS A 626 -27.41 -11.45 8.17
N ASN A 627 -26.11 -11.76 8.12
CA ASN A 627 -25.53 -12.79 8.98
C ASN A 627 -25.02 -12.13 10.26
N PRO A 628 -25.62 -12.40 11.42
CA PRO A 628 -25.17 -11.74 12.65
C PRO A 628 -23.82 -12.24 13.16
N HIS A 629 -23.28 -13.34 12.62
CA HIS A 629 -21.97 -13.84 13.02
C HIS A 629 -20.81 -13.18 12.28
N SER A 630 -21.07 -12.33 11.31
CA SER A 630 -20.04 -11.77 10.44
C SER A 630 -19.78 -10.31 10.81
N TYR A 631 -18.54 -10.01 11.23
CA TYR A 631 -18.17 -8.61 11.43
C TYR A 631 -18.26 -7.83 10.12
N THR A 632 -17.80 -8.45 9.03
CA THR A 632 -17.88 -7.83 7.72
C THR A 632 -19.33 -7.51 7.38
N GLY A 633 -20.24 -8.46 7.62
CA GLY A 633 -21.65 -8.18 7.36
C GLY A 633 -22.18 -7.06 8.23
N ARG A 634 -21.68 -6.95 9.47
CA ARG A 634 -22.14 -5.89 10.36
C ARG A 634 -21.82 -4.52 9.78
N PHE A 635 -20.67 -4.37 9.14
CA PHE A 635 -20.38 -3.07 8.51
C PHE A 635 -20.96 -2.93 7.11
N LEU A 636 -20.99 -4.02 6.34
CA LEU A 636 -21.68 -4.02 5.05
C LEU A 636 -23.10 -3.52 5.18
N LYS A 637 -23.79 -3.88 6.27
CA LYS A 637 -25.17 -3.48 6.50
C LYS A 637 -25.40 -1.99 6.26
N ASN A 638 -24.41 -1.16 6.58
CA ASN A 638 -24.58 0.29 6.56
C ASN A 638 -24.26 0.92 5.21
N VAL A 639 -23.79 0.16 4.23
CA VAL A 639 -23.47 0.70 2.91
C VAL A 639 -24.34 0.12 1.82
N LEU A 640 -25.22 -0.83 2.12
CA LEU A 640 -26.04 -1.45 1.09
C LEU A 640 -27.36 -0.68 0.89
ZN ZN B . 23.82 11.57 -18.57
PB ADP C . 0.04 11.00 -3.56
O1B ADP C . -0.94 12.13 -3.37
O2B ADP C . 0.88 10.80 -2.34
O3B ADP C . -0.59 9.76 -4.18
PA ADP C . 2.58 11.66 -4.78
O1A ADP C . 3.13 12.77 -3.93
O2A ADP C . 3.09 10.27 -4.54
O3A ADP C . 0.98 11.61 -4.72
O5' ADP C . 2.81 12.07 -6.31
C5' ADP C . 2.56 13.41 -6.81
C4' ADP C . 3.03 13.47 -8.27
O4' ADP C . 4.45 13.24 -8.24
C3' ADP C . 2.44 12.34 -9.11
O3' ADP C . 2.27 12.81 -10.45
C2' ADP C . 3.50 11.24 -9.09
O2' ADP C . 3.46 10.42 -10.26
C1' ADP C . 4.78 12.07 -9.01
N9 ADP C . 5.83 11.35 -8.26
C8 ADP C . 5.65 10.72 -7.07
N7 ADP C . 6.83 10.16 -6.68
C5 ADP C . 7.76 10.46 -7.62
C6 ADP C . 9.19 10.17 -7.80
N6 ADP C . 9.85 9.44 -6.86
N1 ADP C . 9.78 10.64 -8.92
C2 ADP C . 9.11 11.36 -9.85
N3 ADP C . 7.79 11.66 -9.74
C4 ADP C . 7.09 11.23 -8.66
PB ADP D . -5.06 -12.58 7.05
O1B ADP D . -4.52 -12.72 5.64
O2B ADP D . -4.72 -11.29 7.78
O3B ADP D . -6.54 -12.84 7.13
PA ADP D . -3.11 -14.66 7.58
O1A ADP D . -3.46 -15.67 6.54
O2A ADP D . -1.91 -13.76 7.41
O3A ADP D . -4.39 -13.75 7.93
O5' ADP D . -2.82 -15.39 9.00
C5' ADP D . -3.58 -16.46 9.55
C4' ADP D . -2.80 -17.02 10.73
O4' ADP D . -1.56 -17.57 10.29
C3' ADP D . -2.44 -15.86 11.67
O3' ADP D . -2.60 -16.36 13.01
C2' ADP D . -0.97 -15.60 11.41
O2' ADP D . -0.31 -15.02 12.55
C1' ADP D . -0.52 -17.03 11.11
N9 ADP D . 0.91 -17.18 10.67
C8 ADP D . 1.91 -17.82 11.38
N7 ADP D . 3.12 -17.80 10.76
C5 ADP D . 2.87 -17.15 9.59
C6 ADP D . 3.68 -16.77 8.43
N6 ADP D . 4.99 -17.07 8.39
N1 ADP D . 3.05 -16.10 7.42
C2 ADP D . 1.74 -15.78 7.46
N3 ADP D . 0.94 -16.10 8.49
C4 ADP D . 1.44 -16.75 9.54
#